data_6TAU
#
_entry.id   6TAU
#
_entity_poly.entity_id   1
_entity_poly.type   'polypeptide(L)'
_entity_poly.pdbx_seq_one_letter_code
;MTQMSDEQFRIFIETIKSLGPIKEEPPSKGSFSNCTVRFSGQRDHDAVDEFINAVETYKEVEGISDKDALKGLPLLFKSI
AVVWWKGVRRDAKTWSDALQLLRDHFSPTKPSYQIYMEIFETKQSYDEVIDSFICKQRALLAKLPEGRHDEETELDFIYG
LMQPKYRESIPRHEVKTFRELLDRGRTVERTRH
;
_entity_poly.pdbx_strand_id   A,B,C,D,E,F
#
# COMPACT_ATOMS: atom_id res chain seq x y z
N LYS A 29 0.33 10.34 -17.64
CA LYS A 29 1.60 11.05 -17.57
C LYS A 29 2.04 11.23 -16.11
N GLY A 30 1.61 12.34 -15.52
CA GLY A 30 1.93 12.65 -14.15
C GLY A 30 3.32 13.25 -13.99
N SER A 31 3.41 14.18 -13.04
CA SER A 31 4.67 14.87 -12.76
C SER A 31 4.68 15.35 -11.32
N PHE A 32 5.42 14.66 -10.46
CA PHE A 32 5.66 15.02 -9.05
C PHE A 32 4.36 15.16 -8.27
N SER A 33 3.43 14.22 -8.46
CA SER A 33 2.24 14.19 -7.62
C SER A 33 2.61 13.80 -6.20
N ASN A 34 3.28 12.67 -6.04
CA ASN A 34 3.90 12.28 -4.79
C ASN A 34 5.12 11.43 -5.14
N CYS A 35 5.65 10.73 -4.13
CA CYS A 35 6.77 9.83 -4.34
C CYS A 35 6.71 8.73 -3.29
N THR A 36 7.66 7.79 -3.41
CA THR A 36 7.82 6.77 -2.38
C THR A 36 8.44 7.38 -1.12
N VAL A 37 9.43 8.25 -1.29
CA VAL A 37 10.14 8.88 -0.18
C VAL A 37 9.90 10.38 -0.25
N ARG A 38 9.94 11.02 0.91
CA ARG A 38 9.88 12.47 1.03
C ARG A 38 10.98 12.94 1.98
N PHE A 39 10.99 14.23 2.27
CA PHE A 39 12.09 14.85 3.00
C PHE A 39 11.63 15.25 4.39
N SER A 40 12.57 15.29 5.34
CA SER A 40 12.28 15.61 6.73
C SER A 40 13.25 16.62 7.35
N GLY A 41 14.48 16.71 6.85
CA GLY A 41 15.44 17.66 7.40
C GLY A 41 15.94 17.30 8.79
N GLN A 42 16.72 16.24 8.93
CA GLN A 42 17.13 15.74 10.24
C GLN A 42 18.64 15.86 10.47
N ARG A 43 19.32 16.74 9.73
CA ARG A 43 20.74 17.10 9.94
C ARG A 43 21.67 15.88 9.81
N ASP A 44 21.49 15.10 8.76
CA ASP A 44 22.29 13.89 8.54
C ASP A 44 22.68 13.81 7.08
N HIS A 45 23.87 13.27 6.81
CA HIS A 45 24.35 13.18 5.43
C HIS A 45 23.63 12.07 4.66
N ASP A 46 23.37 10.95 5.31
CA ASP A 46 22.88 9.76 4.61
C ASP A 46 21.44 9.95 4.15
N ALA A 47 20.61 10.57 4.98
CA ALA A 47 19.20 10.76 4.64
C ALA A 47 19.04 11.73 3.48
N VAL A 48 19.79 12.83 3.50
CA VAL A 48 19.67 13.82 2.43
C VAL A 48 20.29 13.31 1.14
N ASP A 49 21.31 12.43 1.25
CA ASP A 49 21.90 11.87 0.05
C ASP A 49 20.98 10.84 -0.59
N GLU A 50 20.31 10.02 0.24
CA GLU A 50 19.34 9.06 -0.27
C GLU A 50 18.15 9.76 -0.91
N PHE A 51 17.68 10.84 -0.28
CA PHE A 51 16.55 11.61 -0.82
C PHE A 51 16.90 12.25 -2.15
N ILE A 52 18.09 12.88 -2.24
CA ILE A 52 18.45 13.59 -3.45
C ILE A 52 18.76 12.62 -4.59
N ASN A 53 19.24 11.41 -4.24
CA ASN A 53 19.53 10.42 -5.27
C ASN A 53 18.24 9.81 -5.81
N ALA A 54 17.27 9.55 -4.92
CA ALA A 54 15.98 9.03 -5.36
C ALA A 54 15.22 10.05 -6.19
N VAL A 55 15.32 11.34 -5.84
CA VAL A 55 14.66 12.37 -6.62
C VAL A 55 15.30 12.51 -7.99
N GLU A 56 16.63 12.42 -8.06
CA GLU A 56 17.32 12.52 -9.36
C GLU A 56 17.00 11.33 -10.25
N THR A 57 16.96 10.11 -9.70
CA THR A 57 16.68 8.97 -10.57
C THR A 57 15.22 8.91 -10.97
N TYR A 58 14.31 9.44 -10.14
CA TYR A 58 12.91 9.53 -10.53
C TYR A 58 12.72 10.55 -11.65
N LYS A 59 13.42 11.69 -11.55
CA LYS A 59 13.35 12.71 -12.60
C LYS A 59 13.96 12.19 -13.90
N GLU A 60 15.00 11.36 -13.80
CA GLU A 60 15.60 10.80 -15.01
C GLU A 60 14.71 9.73 -15.64
N VAL A 61 14.04 8.92 -14.82
CA VAL A 61 13.27 7.80 -15.38
C VAL A 61 11.92 8.27 -15.90
N GLU A 62 11.38 9.36 -15.33
CA GLU A 62 10.03 9.77 -15.73
C GLU A 62 10.05 10.62 -16.99
N GLY A 63 11.12 11.38 -17.20
CA GLY A 63 11.21 12.26 -18.35
C GLY A 63 10.71 13.68 -18.12
N ILE A 64 10.76 14.16 -16.88
CA ILE A 64 10.26 15.49 -16.59
C ILE A 64 11.31 16.52 -17.02
N SER A 65 10.85 17.60 -17.65
CA SER A 65 11.73 18.67 -18.08
C SER A 65 12.22 19.48 -16.88
N ASP A 66 13.21 20.34 -17.15
CA ASP A 66 13.81 21.13 -16.07
C ASP A 66 12.91 22.28 -15.66
N LYS A 67 12.14 22.83 -16.60
CA LYS A 67 11.24 23.93 -16.27
C LYS A 67 10.07 23.45 -15.40
N ASP A 68 9.58 22.24 -15.66
CA ASP A 68 8.48 21.71 -14.88
C ASP A 68 8.94 21.21 -13.52
N ALA A 69 10.26 21.00 -13.36
CA ALA A 69 10.76 20.36 -12.15
C ALA A 69 10.78 21.32 -10.96
N LEU A 70 11.18 22.57 -11.21
CA LEU A 70 11.28 23.53 -10.10
C LEU A 70 9.90 23.98 -9.64
N LYS A 71 8.93 24.02 -10.55
CA LYS A 71 7.59 24.46 -10.17
C LYS A 71 6.87 23.42 -9.34
N GLY A 72 7.25 22.16 -9.49
CA GLY A 72 6.63 21.09 -8.72
C GLY A 72 7.41 20.69 -7.50
N LEU A 73 8.37 21.54 -7.10
CA LEU A 73 9.18 21.23 -5.94
C LEU A 73 8.48 21.34 -4.58
N PRO A 74 7.65 22.35 -4.25
CA PRO A 74 7.13 22.41 -2.86
C PRO A 74 6.09 21.36 -2.49
N LEU A 75 5.81 20.38 -3.35
CA LEU A 75 4.92 19.30 -2.95
C LEU A 75 5.66 18.23 -2.15
N LEU A 76 6.99 18.33 -2.07
CA LEU A 76 7.77 17.27 -1.44
C LEU A 76 7.97 17.52 0.05
N PHE A 77 8.24 18.76 0.43
CA PHE A 77 8.60 19.08 1.82
C PHE A 77 7.35 19.08 2.70
N LYS A 78 7.46 18.50 3.89
CA LYS A 78 6.33 18.41 4.81
C LYS A 78 6.65 18.92 6.22
N SER A 79 7.87 18.73 6.71
CA SER A 79 8.31 19.15 8.03
C SER A 79 8.69 20.62 8.02
N ILE A 80 9.51 21.06 8.98
CA ILE A 80 10.01 22.44 8.99
C ILE A 80 10.90 22.80 7.81
N ALA A 81 11.17 21.87 6.89
CA ALA A 81 11.80 22.24 5.63
C ALA A 81 10.90 23.12 4.76
N VAL A 82 9.57 23.05 4.93
CA VAL A 82 8.70 23.82 4.04
C VAL A 82 8.68 25.29 4.46
N VAL A 83 8.85 25.57 5.77
CA VAL A 83 8.95 26.96 6.18
C VAL A 83 10.38 27.47 5.98
N TRP A 84 11.31 26.54 5.73
CA TRP A 84 12.62 26.95 5.22
C TRP A 84 12.52 27.32 3.75
N TRP A 85 11.71 26.58 2.99
CA TRP A 85 11.56 26.88 1.56
C TRP A 85 10.70 28.11 1.33
N LYS A 86 9.86 28.48 2.31
CA LYS A 86 9.05 29.69 2.18
C LYS A 86 9.92 30.94 2.26
N GLY A 87 11.11 30.83 2.84
CA GLY A 87 11.99 31.98 2.93
C GLY A 87 12.83 32.18 1.68
N VAL A 88 13.49 31.13 1.21
CA VAL A 88 14.53 31.24 0.21
C VAL A 88 14.02 30.87 -1.19
N ARG A 89 12.72 31.04 -1.45
CA ARG A 89 12.14 30.67 -2.75
C ARG A 89 12.67 31.58 -3.86
N ARG A 90 12.76 32.89 -3.60
CA ARG A 90 13.20 33.82 -4.62
C ARG A 90 14.70 33.77 -4.86
N ASP A 91 15.45 33.02 -4.04
CA ASP A 91 16.91 33.04 -4.15
C ASP A 91 17.39 32.14 -5.28
N ALA A 92 16.53 31.22 -5.73
CA ALA A 92 16.92 30.23 -6.73
C ALA A 92 16.19 30.49 -8.04
N LYS A 93 16.89 30.28 -9.15
CA LYS A 93 16.33 30.46 -10.48
C LYS A 93 16.20 29.14 -11.24
N THR A 94 17.27 28.36 -11.37
CA THR A 94 17.24 27.14 -12.14
C THR A 94 17.21 25.94 -11.21
N TRP A 95 17.11 24.75 -11.81
CA TRP A 95 17.04 23.52 -11.03
C TRP A 95 18.38 23.20 -10.39
N SER A 96 19.48 23.60 -11.04
CA SER A 96 20.81 23.25 -10.56
C SER A 96 21.15 23.99 -9.27
N ASP A 97 20.91 25.30 -9.25
CA ASP A 97 21.20 26.08 -8.04
C ASP A 97 20.23 25.75 -6.91
N ALA A 98 18.98 25.44 -7.26
CA ALA A 98 17.99 25.07 -6.25
C ALA A 98 18.31 23.72 -5.64
N LEU A 99 18.94 22.84 -6.41
CA LEU A 99 19.37 21.56 -5.86
C LEU A 99 20.68 21.69 -5.11
N GLN A 100 21.52 22.65 -5.52
CA GLN A 100 22.78 22.90 -4.83
C GLN A 100 22.53 23.52 -3.45
N LEU A 101 21.48 24.33 -3.33
CA LEU A 101 21.16 24.98 -2.06
C LEU A 101 20.74 23.97 -0.99
N LEU A 102 20.11 22.86 -1.41
CA LEU A 102 19.68 21.84 -0.46
C LEU A 102 20.87 21.12 0.16
N ARG A 103 21.96 21.00 -0.59
CA ARG A 103 23.19 20.41 -0.05
C ARG A 103 23.94 21.44 0.78
N ASP A 104 23.74 22.73 0.48
CA ASP A 104 24.50 23.77 1.15
C ASP A 104 23.95 24.05 2.54
N HIS A 105 22.63 24.08 2.69
CA HIS A 105 22.05 24.50 3.96
C HIS A 105 21.94 23.36 4.96
N PHE A 106 21.83 22.12 4.49
CA PHE A 106 21.59 21.01 5.41
C PHE A 106 22.79 20.10 5.61
N SER A 107 23.72 20.02 4.66
CA SER A 107 24.94 19.25 4.85
C SER A 107 26.08 20.21 5.15
N PRO A 108 26.78 20.06 6.28
CA PRO A 108 27.65 21.15 6.75
C PRO A 108 28.97 21.27 6.01
N THR A 109 29.43 20.21 5.33
CA THR A 109 30.75 20.08 4.65
C THR A 109 31.90 20.62 5.51
N LYS A 110 32.15 19.88 6.60
CA LYS A 110 33.00 20.29 7.72
C LYS A 110 34.42 20.66 7.26
N PRO A 111 35.07 21.62 7.92
CA PRO A 111 36.44 21.98 7.57
C PRO A 111 37.45 20.97 8.09
N SER A 112 38.72 21.31 7.93
CA SER A 112 39.80 20.33 8.05
C SER A 112 40.09 19.95 9.50
N TYR A 113 40.18 20.95 10.39
CA TYR A 113 40.79 20.72 11.70
C TYR A 113 39.89 19.90 12.61
N GLN A 114 38.57 20.01 12.42
CA GLN A 114 37.65 19.21 13.22
C GLN A 114 37.71 17.74 12.81
N ILE A 115 37.86 17.47 11.51
CA ILE A 115 38.01 16.10 11.03
C ILE A 115 39.33 15.51 11.51
N TYR A 116 40.39 16.31 11.49
CA TYR A 116 41.68 15.84 11.99
C TYR A 116 41.67 15.63 13.50
N MET A 117 40.86 16.39 14.23
CA MET A 117 40.72 16.16 15.67
C MET A 117 39.88 14.92 15.94
N GLU A 118 38.94 14.61 15.03
CA GLU A 118 38.00 13.52 15.29
C GLU A 118 38.65 12.15 15.14
N ILE A 119 39.65 12.01 14.26
CA ILE A 119 40.22 10.69 13.99
C ILE A 119 41.08 10.20 15.16
N PHE A 120 41.67 11.12 15.91
CA PHE A 120 42.52 10.76 17.03
C PHE A 120 41.80 10.80 18.37
N GLU A 121 40.47 10.82 18.36
CA GLU A 121 39.73 10.92 19.62
C GLU A 121 39.56 9.55 20.28
N THR A 122 38.86 8.63 19.61
CA THR A 122 38.46 7.37 20.21
C THR A 122 39.42 6.27 19.79
N LYS A 123 40.20 5.76 20.76
CA LYS A 123 41.00 4.57 20.52
C LYS A 123 40.09 3.35 20.36
N GLN A 124 40.65 2.32 19.72
CA GLN A 124 39.90 1.07 19.53
C GLN A 124 39.81 0.33 20.85
N SER A 125 38.59 0.05 21.28
CA SER A 125 38.40 -0.67 22.53
C SER A 125 38.47 -2.18 22.31
N TYR A 126 38.34 -2.92 23.41
CA TYR A 126 38.38 -4.38 23.34
C TYR A 126 37.06 -4.90 22.76
N ASP A 127 37.06 -6.22 22.47
CA ASP A 127 35.95 -7.02 21.88
C ASP A 127 35.25 -6.34 20.72
N GLU A 128 36.02 -5.66 19.87
CA GLU A 128 35.51 -4.99 18.68
C GLU A 128 36.23 -5.56 17.47
N VAL A 129 35.48 -5.80 16.39
CA VAL A 129 36.04 -6.42 15.20
C VAL A 129 36.92 -5.41 14.48
N ILE A 130 37.99 -5.89 13.85
CA ILE A 130 38.94 -5.01 13.17
C ILE A 130 38.33 -4.42 11.90
N ASP A 131 37.44 -5.18 11.24
CA ASP A 131 36.93 -4.80 9.93
C ASP A 131 35.99 -3.60 10.01
N SER A 132 35.07 -3.62 10.97
CA SER A 132 34.16 -2.49 11.15
C SER A 132 34.91 -1.25 11.64
N PHE A 133 35.99 -1.46 12.39
CA PHE A 133 36.81 -0.35 12.88
C PHE A 133 37.52 0.36 11.73
N ILE A 134 38.20 -0.40 10.87
CA ILE A 134 38.90 0.21 9.73
C ILE A 134 37.90 0.74 8.72
N CYS A 135 36.69 0.17 8.68
CA CYS A 135 35.64 0.67 7.82
C CYS A 135 35.16 2.04 8.26
N LYS A 136 34.91 2.21 9.57
CA LYS A 136 34.48 3.50 10.09
C LYS A 136 35.59 4.54 9.98
N GLN A 137 36.85 4.13 10.18
CA GLN A 137 37.95 5.09 10.05
C GLN A 137 38.15 5.54 8.61
N ARG A 138 37.96 4.64 7.64
CA ARG A 138 38.07 5.05 6.24
C ARG A 138 36.92 5.96 5.84
N ALA A 139 35.71 5.67 6.32
CA ALA A 139 34.57 6.52 6.01
C ALA A 139 34.71 7.89 6.65
N LEU A 140 35.39 7.96 7.80
CA LEU A 140 35.65 9.25 8.43
C LEU A 140 36.74 10.01 7.70
N LEU A 141 37.75 9.31 7.20
CA LEU A 141 38.92 9.98 6.64
C LEU A 141 38.76 10.26 5.16
N ALA A 142 37.68 9.77 4.54
CA ALA A 142 37.47 10.06 3.13
C ALA A 142 36.92 11.45 2.88
N LYS A 143 36.53 12.19 3.92
CA LYS A 143 35.88 13.49 3.73
C LYS A 143 36.86 14.62 3.49
N LEU A 144 38.17 14.37 3.57
CA LEU A 144 39.16 15.41 3.35
C LEU A 144 39.23 15.77 1.87
N PRO A 145 39.87 16.90 1.53
CA PRO A 145 40.13 17.18 0.11
C PRO A 145 41.03 16.13 -0.54
N GLU A 146 40.69 15.81 -1.78
CA GLU A 146 41.34 14.71 -2.48
C GLU A 146 42.74 15.10 -2.94
N GLY A 147 43.62 14.11 -3.07
CA GLY A 147 44.97 14.34 -3.47
C GLY A 147 45.93 14.69 -2.36
N ARG A 148 45.44 14.81 -1.12
CA ARG A 148 46.32 15.16 -0.01
C ARG A 148 46.88 13.90 0.65
N HIS A 149 46.24 12.75 0.43
CA HIS A 149 46.59 11.53 1.16
C HIS A 149 46.47 10.32 0.25
N ASP A 150 47.62 9.72 -0.07
CA ASP A 150 47.65 8.45 -0.79
C ASP A 150 47.51 7.28 0.19
N GLU A 151 47.81 6.08 -0.30
CA GLU A 151 47.56 4.87 0.49
C GLU A 151 48.67 4.60 1.49
N GLU A 152 49.86 5.18 1.25
CA GLU A 152 50.98 4.97 2.20
C GLU A 152 50.68 5.67 3.54
N THR A 153 50.22 6.92 3.57
CA THR A 153 49.96 7.54 4.91
C THR A 153 48.85 6.80 5.69
N GLU A 154 47.78 6.41 4.99
CA GLU A 154 46.59 5.78 5.63
C GLU A 154 46.96 4.47 6.34
N LEU A 155 47.81 3.64 5.73
CA LEU A 155 48.19 2.35 6.35
C LEU A 155 48.89 2.62 7.68
N ASP A 156 49.78 3.62 7.72
CA ASP A 156 50.50 3.97 8.97
C ASP A 156 49.49 4.41 10.04
N PHE A 157 48.53 5.25 9.65
CA PHE A 157 47.53 5.71 10.66
C PHE A 157 46.74 4.51 11.21
N ILE A 158 46.36 3.59 10.32
CA ILE A 158 45.56 2.39 10.74
C ILE A 158 46.39 1.55 11.71
N TYR A 159 47.68 1.35 11.41
CA TYR A 159 48.57 0.53 12.28
C TYR A 159 48.68 1.20 13.66
N GLY A 160 48.79 2.53 13.67
CA GLY A 160 48.89 3.35 14.88
C GLY A 160 47.66 3.28 15.78
N LEU A 161 46.46 3.16 15.22
CA LEU A 161 45.22 3.24 16.05
C LEU A 161 44.74 1.91 16.67
N MET A 162 45.51 0.82 16.61
CA MET A 162 45.03 -0.52 17.11
C MET A 162 45.56 -0.99 18.49
N GLN A 163 44.83 -1.89 19.21
CA GLN A 163 45.14 -2.48 20.51
C GLN A 163 46.45 -3.26 20.47
N PRO A 164 47.04 -3.54 21.64
CA PRO A 164 48.21 -4.44 21.65
C PRO A 164 47.90 -5.90 21.33
N LYS A 165 46.63 -6.28 21.26
CA LYS A 165 46.28 -7.64 20.85
C LYS A 165 46.59 -7.85 19.37
N TYR A 166 46.54 -6.78 18.58
CA TYR A 166 46.86 -6.91 17.16
C TYR A 166 48.30 -6.52 16.87
N ARG A 167 48.87 -5.58 17.63
CA ARG A 167 50.17 -5.00 17.27
C ARG A 167 51.32 -5.97 17.54
N GLU A 168 51.10 -6.99 18.36
CA GLU A 168 52.16 -7.94 18.67
C GLU A 168 52.48 -8.82 17.45
N SER A 169 51.46 -9.25 16.72
CA SER A 169 51.68 -10.27 15.70
C SER A 169 52.08 -9.67 14.36
N ILE A 170 51.57 -8.49 14.02
CA ILE A 170 51.87 -7.86 12.74
C ILE A 170 52.69 -6.59 12.98
N PRO A 171 53.86 -6.46 12.37
CA PRO A 171 54.62 -5.20 12.46
C PRO A 171 54.38 -4.28 11.28
N ARG A 172 54.82 -3.03 11.40
CA ARG A 172 54.87 -2.14 10.25
C ARG A 172 55.94 -2.62 9.27
N HIS A 173 55.81 -2.18 8.01
CA HIS A 173 56.62 -2.45 6.81
C HIS A 173 56.42 -3.86 6.28
N GLU A 174 55.61 -4.70 6.93
CA GLU A 174 55.25 -5.98 6.34
C GLU A 174 54.02 -5.84 5.46
N VAL A 175 53.06 -5.02 5.87
CA VAL A 175 51.82 -4.80 5.13
C VAL A 175 51.99 -3.59 4.22
N LYS A 176 52.28 -3.84 2.94
CA LYS A 176 52.51 -2.74 2.00
C LYS A 176 51.19 -2.07 1.60
N THR A 177 50.27 -2.83 1.01
CA THR A 177 49.01 -2.28 0.57
C THR A 177 48.01 -2.26 1.72
N PHE A 178 46.74 -2.01 1.38
CA PHE A 178 45.72 -1.87 2.43
C PHE A 178 44.95 -3.16 2.64
N ARG A 179 44.95 -4.07 1.67
CA ARG A 179 44.23 -5.33 1.84
C ARG A 179 44.97 -6.27 2.80
N GLU A 180 46.31 -6.16 2.85
CA GLU A 180 47.11 -7.11 3.60
C GLU A 180 46.94 -6.94 5.11
N LEU A 181 46.58 -5.74 5.56
CA LEU A 181 46.31 -5.51 6.97
C LEU A 181 45.09 -6.31 7.43
N LEU A 182 44.00 -6.24 6.67
CA LEU A 182 42.81 -7.03 6.97
C LEU A 182 43.08 -8.52 6.78
N ASP A 183 43.93 -8.86 5.80
CA ASP A 183 44.24 -10.26 5.52
C ASP A 183 44.98 -10.92 6.68
N ARG A 184 45.97 -10.22 7.24
CA ARG A 184 46.67 -10.77 8.40
C ARG A 184 45.90 -10.52 9.70
N GLY A 185 44.89 -9.63 9.67
CA GLY A 185 44.08 -9.44 10.85
C GLY A 185 43.04 -10.52 11.02
N ARG A 186 42.52 -11.04 9.91
CA ARG A 186 41.47 -12.06 10.00
C ARG A 186 42.02 -13.39 10.50
N THR A 187 43.31 -13.67 10.23
CA THR A 187 43.90 -14.91 10.71
C THR A 187 44.10 -14.87 12.22
N VAL A 188 44.49 -13.71 12.78
CA VAL A 188 44.61 -13.60 14.23
C VAL A 188 43.23 -13.43 14.87
N GLU A 189 42.24 -13.04 14.07
CA GLU A 189 40.86 -13.05 14.55
C GLU A 189 40.34 -14.48 14.69
N ARG A 190 40.70 -15.35 13.74
CA ARG A 190 40.23 -16.74 13.70
C ARG A 190 40.76 -17.56 14.88
N THR A 191 42.06 -17.48 15.14
CA THR A 191 42.64 -18.22 16.26
C THR A 191 42.23 -17.59 17.60
N ARG A 192 42.39 -16.27 17.71
CA ARG A 192 42.12 -15.45 18.90
C ARG A 192 42.82 -15.94 20.16
N LYS B 29 -7.92 12.61 -20.42
CA LYS B 29 -8.56 13.62 -19.58
C LYS B 29 -8.29 13.37 -18.10
N GLY B 30 -9.07 14.03 -17.25
CA GLY B 30 -8.92 13.88 -15.82
C GLY B 30 -8.49 15.17 -15.14
N SER B 31 -9.30 15.61 -14.18
CA SER B 31 -9.06 16.84 -13.46
C SER B 31 -9.64 16.72 -12.06
N PHE B 32 -8.76 16.87 -11.07
CA PHE B 32 -9.09 16.84 -9.64
C PHE B 32 -9.81 15.55 -9.23
N SER B 33 -9.13 14.41 -9.42
CA SER B 33 -9.73 13.15 -9.02
C SER B 33 -9.75 13.01 -7.50
N ASN B 34 -8.58 12.93 -6.88
CA ASN B 34 -8.39 12.96 -5.44
C ASN B 34 -6.91 13.13 -5.15
N CYS B 35 -6.62 13.55 -3.92
CA CYS B 35 -5.25 13.66 -3.45
C CYS B 35 -5.26 13.59 -1.93
N THR B 36 -4.07 13.69 -1.35
CA THR B 36 -3.98 13.67 0.12
C THR B 36 -4.48 14.97 0.73
N VAL B 37 -4.22 16.10 0.06
CA VAL B 37 -4.55 17.42 0.61
C VAL B 37 -6.05 17.65 0.51
N ARG B 38 -6.73 17.55 1.66
CA ARG B 38 -8.15 17.86 1.77
C ARG B 38 -8.32 18.89 2.87
N PHE B 39 -9.37 19.69 2.76
CA PHE B 39 -9.60 20.84 3.63
C PHE B 39 -10.81 20.56 4.52
N SER B 40 -10.74 21.00 5.78
CA SER B 40 -11.76 20.65 6.76
C SER B 40 -12.25 21.84 7.58
N GLY B 41 -11.63 23.01 7.45
CA GLY B 41 -12.07 24.16 8.22
C GLY B 41 -11.75 24.08 9.70
N GLN B 42 -10.47 24.16 10.04
CA GLN B 42 -10.04 24.05 11.43
C GLN B 42 -9.69 25.39 12.06
N ARG B 43 -10.07 26.50 11.41
CA ARG B 43 -10.01 27.88 11.91
C ARG B 43 -8.60 28.35 12.24
N ASP B 44 -7.55 27.70 11.76
CA ASP B 44 -6.18 28.10 12.01
C ASP B 44 -5.55 28.57 10.70
N HIS B 45 -4.64 29.54 10.80
CA HIS B 45 -4.08 30.18 9.61
C HIS B 45 -3.12 29.26 8.86
N ASP B 46 -2.41 28.41 9.60
CA ASP B 46 -1.38 27.56 9.01
C ASP B 46 -1.99 26.51 8.09
N ALA B 47 -3.09 25.88 8.52
CA ALA B 47 -3.69 24.81 7.74
C ALA B 47 -4.34 25.33 6.46
N VAL B 48 -5.02 26.47 6.56
CA VAL B 48 -5.67 27.04 5.37
C VAL B 48 -4.62 27.58 4.41
N ASP B 49 -3.51 28.10 4.94
CA ASP B 49 -2.46 28.61 4.05
C ASP B 49 -1.75 27.48 3.33
N GLU B 50 -1.50 26.36 4.03
CA GLU B 50 -0.91 25.19 3.38
C GLU B 50 -1.84 24.59 2.34
N PHE B 51 -3.16 24.57 2.62
CA PHE B 51 -4.11 24.03 1.67
C PHE B 51 -4.18 24.87 0.39
N ILE B 52 -4.25 26.20 0.54
CA ILE B 52 -4.33 27.09 -0.61
C ILE B 52 -3.03 27.01 -1.42
N ASN B 53 -1.89 26.90 -0.72
CA ASN B 53 -0.60 26.80 -1.41
C ASN B 53 -0.49 25.49 -2.20
N ALA B 54 -0.93 24.38 -1.59
CA ALA B 54 -0.82 23.08 -2.26
C ALA B 54 -1.74 22.99 -3.46
N VAL B 55 -2.96 23.52 -3.34
CA VAL B 55 -3.90 23.52 -4.47
C VAL B 55 -3.39 24.43 -5.59
N GLU B 56 -2.79 25.57 -5.21
CA GLU B 56 -2.32 26.52 -6.22
C GLU B 56 -1.10 25.99 -6.98
N THR B 57 -0.25 25.21 -6.30
CA THR B 57 0.86 24.59 -7.04
C THR B 57 0.39 23.41 -7.88
N TYR B 58 -0.61 22.65 -7.39
CA TYR B 58 -1.13 21.52 -8.16
C TYR B 58 -1.82 22.00 -9.44
N LYS B 59 -2.45 23.18 -9.38
CA LYS B 59 -3.13 23.72 -10.56
C LYS B 59 -2.14 24.06 -11.67
N GLU B 60 -0.96 24.57 -11.30
CA GLU B 60 0.03 24.93 -12.32
C GLU B 60 0.82 23.70 -12.77
N VAL B 61 0.97 22.70 -11.89
CA VAL B 61 1.75 21.52 -12.26
C VAL B 61 0.95 20.62 -13.20
N GLU B 62 -0.29 20.30 -12.82
CA GLU B 62 -1.05 19.30 -13.59
C GLU B 62 -1.57 19.88 -14.89
N GLY B 63 -1.70 21.21 -14.98
CA GLY B 63 -2.19 21.83 -16.19
C GLY B 63 -3.69 21.94 -16.27
N ILE B 64 -4.39 22.03 -15.13
CA ILE B 64 -5.84 22.16 -15.15
C ILE B 64 -6.21 23.58 -15.59
N SER B 65 -7.11 23.67 -16.55
CA SER B 65 -7.50 24.97 -17.09
C SER B 65 -8.35 25.75 -16.09
N ASP B 66 -8.54 27.04 -16.38
CA ASP B 66 -9.15 27.94 -15.41
C ASP B 66 -10.65 27.71 -15.31
N LYS B 67 -11.32 27.55 -16.45
CA LYS B 67 -12.79 27.45 -16.43
C LYS B 67 -13.25 26.07 -15.99
N ASP B 68 -12.37 25.07 -16.09
CA ASP B 68 -12.78 23.70 -15.79
C ASP B 68 -12.55 23.34 -14.33
N ALA B 69 -11.90 24.24 -13.57
CA ALA B 69 -11.55 23.90 -12.19
C ALA B 69 -12.70 24.18 -11.24
N LEU B 70 -13.63 25.05 -11.64
CA LEU B 70 -14.74 25.40 -10.75
C LEU B 70 -15.74 24.25 -10.64
N LYS B 71 -15.85 23.41 -11.68
CA LYS B 71 -16.79 22.30 -11.63
C LYS B 71 -16.32 21.21 -10.70
N GLY B 72 -15.02 20.97 -10.64
CA GLY B 72 -14.49 19.88 -9.84
C GLY B 72 -14.05 20.31 -8.45
N LEU B 73 -14.60 21.42 -7.97
CA LEU B 73 -14.21 21.91 -6.65
C LEU B 73 -14.79 21.15 -5.46
N PRO B 74 -16.09 20.76 -5.40
CA PRO B 74 -16.55 20.09 -4.16
C PRO B 74 -16.12 18.64 -4.02
N LEU B 75 -15.19 18.15 -4.83
CA LEU B 75 -14.63 16.82 -4.57
C LEU B 75 -13.61 16.88 -3.44
N LEU B 76 -13.14 18.08 -3.10
CA LEU B 76 -12.17 18.22 -2.02
C LEU B 76 -12.85 18.38 -0.67
N PHE B 77 -13.94 19.13 -0.62
CA PHE B 77 -14.63 19.40 0.64
C PHE B 77 -15.40 18.16 1.09
N LYS B 78 -14.84 17.42 2.04
CA LYS B 78 -15.55 16.31 2.69
C LYS B 78 -15.42 16.53 4.21
N SER B 79 -16.27 17.40 4.74
CA SER B 79 -16.19 17.91 6.09
C SER B 79 -17.47 18.68 6.45
N ILE B 80 -17.41 19.51 7.49
CA ILE B 80 -18.44 20.52 7.72
C ILE B 80 -18.53 21.51 6.56
N ALA B 81 -17.45 21.68 5.78
CA ALA B 81 -17.40 22.73 4.77
C ALA B 81 -18.25 22.41 3.54
N VAL B 82 -18.66 21.15 3.34
CA VAL B 82 -19.50 20.85 2.19
C VAL B 82 -20.93 21.34 2.45
N VAL B 83 -21.30 21.48 3.72
CA VAL B 83 -22.51 22.19 4.08
C VAL B 83 -22.35 23.68 3.77
N TRP B 84 -21.14 24.19 3.96
CA TRP B 84 -20.88 25.61 3.74
C TRP B 84 -20.90 25.97 2.26
N TRP B 85 -20.48 25.04 1.39
CA TRP B 85 -20.42 25.35 -0.03
C TRP B 85 -21.82 25.37 -0.65
N LYS B 86 -22.80 24.71 -0.03
CA LYS B 86 -24.16 24.76 -0.55
C LYS B 86 -24.80 26.11 -0.28
N GLY B 87 -24.28 26.87 0.67
CA GLY B 87 -24.91 28.13 1.04
C GLY B 87 -24.48 29.29 0.15
N VAL B 88 -23.19 29.37 -0.16
CA VAL B 88 -22.62 30.56 -0.79
C VAL B 88 -22.00 30.24 -2.14
N ARG B 89 -22.59 29.28 -2.86
CA ARG B 89 -22.05 28.89 -4.16
C ARG B 89 -22.26 29.97 -5.22
N ARG B 90 -23.40 30.66 -5.16
CA ARG B 90 -23.76 31.59 -6.23
C ARG B 90 -22.98 32.90 -6.17
N ASP B 91 -22.17 33.13 -5.13
CA ASP B 91 -21.41 34.37 -5.04
C ASP B 91 -20.17 34.31 -5.94
N ALA B 92 -19.75 33.12 -6.31
CA ALA B 92 -18.53 32.94 -7.08
C ALA B 92 -18.88 32.60 -8.53
N LYS B 93 -18.22 33.29 -9.46
CA LYS B 93 -18.35 32.99 -10.89
C LYS B 93 -17.01 32.75 -11.56
N THR B 94 -15.91 33.05 -10.87
CA THR B 94 -14.57 32.78 -11.39
C THR B 94 -13.77 32.06 -10.31
N TRP B 95 -12.60 31.54 -10.72
CA TRP B 95 -11.77 30.78 -9.79
C TRP B 95 -11.09 31.68 -8.78
N SER B 96 -10.74 32.91 -9.21
CA SER B 96 -10.04 33.83 -8.33
C SER B 96 -10.96 34.35 -7.23
N ASP B 97 -12.21 34.67 -7.57
CA ASP B 97 -13.16 35.13 -6.57
C ASP B 97 -13.55 34.00 -5.63
N ALA B 98 -13.57 32.76 -6.12
CA ALA B 98 -13.86 31.62 -5.26
C ALA B 98 -12.72 31.36 -4.29
N LEU B 99 -11.48 31.51 -4.75
CA LEU B 99 -10.32 31.36 -3.86
C LEU B 99 -10.29 32.48 -2.82
N GLN B 100 -10.64 33.70 -3.23
CA GLN B 100 -10.68 34.81 -2.28
C GLN B 100 -11.81 34.63 -1.27
N LEU B 101 -12.93 34.04 -1.69
CA LEU B 101 -14.02 33.78 -0.76
C LEU B 101 -13.65 32.69 0.25
N LEU B 102 -12.96 31.64 -0.23
CA LEU B 102 -12.51 30.57 0.65
C LEU B 102 -11.46 31.08 1.64
N ARG B 103 -10.65 32.04 1.22
CA ARG B 103 -9.73 32.68 2.15
C ARG B 103 -10.48 33.56 3.15
N ASP B 104 -11.46 34.33 2.67
CA ASP B 104 -12.06 35.39 3.47
C ASP B 104 -12.96 34.82 4.56
N HIS B 105 -13.70 33.75 4.25
CA HIS B 105 -14.68 33.25 5.21
C HIS B 105 -14.03 32.52 6.38
N PHE B 106 -12.78 32.05 6.20
CA PHE B 106 -12.13 31.24 7.22
C PHE B 106 -10.86 31.85 7.80
N SER B 107 -10.15 32.68 7.04
CA SER B 107 -8.86 33.22 7.48
C SER B 107 -8.86 34.73 7.36
N PRO B 108 -8.55 35.48 8.42
CA PRO B 108 -8.74 36.93 8.40
C PRO B 108 -7.68 37.72 7.65
N THR B 109 -6.77 37.06 6.91
CA THR B 109 -5.73 37.62 6.01
C THR B 109 -4.98 38.81 6.65
N LYS B 110 -4.18 38.44 7.67
CA LYS B 110 -3.56 39.38 8.60
C LYS B 110 -2.75 40.46 7.88
N PRO B 111 -2.88 41.72 8.27
CA PRO B 111 -2.18 42.80 7.57
C PRO B 111 -0.74 42.95 8.07
N SER B 112 -0.10 43.99 7.56
CA SER B 112 1.33 44.18 7.81
C SER B 112 1.63 44.62 9.23
N TYR B 113 0.70 45.36 9.85
CA TYR B 113 0.99 45.97 11.15
C TYR B 113 1.02 44.93 12.26
N GLN B 114 0.17 43.90 12.16
CA GLN B 114 0.23 42.83 13.14
C GLN B 114 1.50 42.00 12.97
N ILE B 115 1.99 41.88 11.73
CA ILE B 115 3.23 41.15 11.48
C ILE B 115 4.42 41.91 12.08
N TYR B 116 4.44 43.23 11.91
CA TYR B 116 5.54 44.02 12.46
C TYR B 116 5.46 44.12 13.99
N MET B 117 4.25 44.09 14.54
CA MET B 117 4.13 44.08 16.01
C MET B 117 4.22 42.66 16.56
N GLU B 118 4.37 41.66 15.69
CA GLU B 118 4.50 40.29 16.16
C GLU B 118 5.92 39.76 15.95
N ILE B 119 6.71 40.43 15.11
CA ILE B 119 8.10 39.95 14.83
C ILE B 119 9.00 40.19 16.04
N PHE B 120 8.94 41.40 16.62
CA PHE B 120 9.77 41.75 17.80
C PHE B 120 9.12 41.18 19.06
N GLU B 121 7.89 40.68 18.93
CA GLU B 121 7.09 40.12 20.05
C GLU B 121 7.96 39.20 20.93
N THR B 122 8.64 38.23 20.33
CA THR B 122 9.47 37.27 21.12
C THR B 122 10.96 37.44 20.78
N LYS B 123 11.81 37.06 21.74
CA LYS B 123 13.26 37.12 21.60
C LYS B 123 13.83 35.73 21.36
N GLN B 124 15.15 35.63 21.47
CA GLN B 124 15.82 34.34 21.41
C GLN B 124 16.10 33.85 22.83
N SER B 125 15.88 32.56 23.06
CA SER B 125 16.14 31.99 24.36
C SER B 125 17.46 31.24 24.37
N TYR B 126 17.82 30.71 25.53
CA TYR B 126 19.04 29.92 25.67
C TYR B 126 18.87 28.57 24.97
N ASP B 127 20.03 27.90 24.78
CA ASP B 127 20.19 26.54 24.20
C ASP B 127 19.31 26.28 22.97
N GLU B 128 19.30 27.23 22.05
CA GLU B 128 18.50 27.13 20.83
C GLU B 128 19.42 27.21 19.61
N VAL B 129 19.19 26.33 18.64
CA VAL B 129 19.99 26.29 17.43
C VAL B 129 19.67 27.52 16.58
N ILE B 130 20.71 28.14 16.01
CA ILE B 130 20.54 29.41 15.30
C ILE B 130 19.77 29.21 13.99
N ASP B 131 19.84 28.01 13.41
CA ASP B 131 19.20 27.76 12.12
C ASP B 131 17.69 27.77 12.23
N SER B 132 17.15 27.21 13.32
CA SER B 132 15.71 27.23 13.54
C SER B 132 15.19 28.64 13.75
N PHE B 133 15.98 29.48 14.44
CA PHE B 133 15.60 30.88 14.65
C PHE B 133 15.58 31.66 13.36
N ILE B 134 16.62 31.50 12.53
CA ILE B 134 16.68 32.21 11.25
C ILE B 134 15.58 31.73 10.31
N CYS B 135 15.27 30.43 10.34
CA CYS B 135 14.21 29.89 9.49
C CYS B 135 12.84 30.43 9.92
N LYS B 136 12.59 30.50 11.24
CA LYS B 136 11.34 31.06 11.74
C LYS B 136 11.19 32.53 11.38
N GLN B 137 12.29 33.30 11.50
CA GLN B 137 12.23 34.73 11.21
C GLN B 137 12.00 35.00 9.72
N ARG B 138 12.69 34.26 8.85
CA ARG B 138 12.49 34.48 7.42
C ARG B 138 11.14 33.98 6.95
N ALA B 139 10.63 32.91 7.56
CA ALA B 139 9.32 32.40 7.20
C ALA B 139 8.23 33.36 7.67
N LEU B 140 8.47 34.07 8.78
CA LEU B 140 7.48 35.00 9.26
C LEU B 140 7.62 36.35 8.55
N LEU B 141 8.75 36.57 7.89
CA LEU B 141 8.94 37.85 7.21
C LEU B 141 8.55 37.76 5.73
N ALA B 142 8.53 36.56 5.15
CA ALA B 142 8.31 36.44 3.70
C ALA B 142 6.87 36.74 3.29
N LYS B 143 5.95 36.89 4.26
CA LYS B 143 4.57 37.21 3.94
C LYS B 143 4.34 38.68 3.64
N LEU B 144 5.38 39.51 3.80
CA LEU B 144 5.29 40.93 3.47
C LEU B 144 5.19 41.12 1.96
N PRO B 145 4.72 42.29 1.49
CA PRO B 145 4.71 42.54 0.04
C PRO B 145 6.11 42.62 -0.54
N GLU B 146 6.30 41.96 -1.67
CA GLU B 146 7.62 41.82 -2.27
C GLU B 146 8.04 43.11 -2.97
N GLY B 147 9.29 43.51 -2.73
CA GLY B 147 9.86 44.69 -3.36
C GLY B 147 10.01 45.89 -2.45
N ARG B 148 9.63 45.77 -1.18
CA ARG B 148 9.68 46.94 -0.30
C ARG B 148 10.88 46.89 0.63
N HIS B 149 11.47 45.69 0.80
CA HIS B 149 12.59 45.51 1.72
C HIS B 149 13.70 44.73 1.04
N ASP B 150 14.83 45.40 0.83
CA ASP B 150 16.01 44.75 0.26
C ASP B 150 16.80 44.03 1.35
N GLU B 151 18.03 43.62 1.00
CA GLU B 151 18.76 42.68 1.85
C GLU B 151 19.42 43.37 3.04
N GLU B 152 19.82 44.63 2.86
CA GLU B 152 20.49 45.39 3.96
C GLU B 152 19.54 45.62 5.14
N THR B 153 18.29 45.98 4.86
CA THR B 153 17.28 46.32 5.92
C THR B 153 16.93 45.13 6.83
N GLU B 154 16.75 43.93 6.26
CA GLU B 154 16.33 42.74 7.05
C GLU B 154 17.37 42.36 8.11
N LEU B 155 18.65 42.41 7.75
CA LEU B 155 19.77 42.01 8.66
C LEU B 155 19.67 42.74 9.99
N ASP B 156 19.27 44.02 10.00
CA ASP B 156 19.29 44.81 11.27
C ASP B 156 18.39 44.20 12.36
N PHE B 157 17.17 43.78 12.00
CA PHE B 157 16.24 43.24 13.03
C PHE B 157 16.80 41.95 13.64
N ILE B 158 17.31 41.04 12.80
CA ILE B 158 17.84 39.74 13.29
C ILE B 158 19.04 40.00 14.21
N TYR B 159 19.93 40.91 13.80
CA TYR B 159 21.14 41.23 14.59
C TYR B 159 20.71 41.78 15.95
N GLY B 160 19.71 42.67 15.95
CA GLY B 160 19.22 43.25 17.22
C GLY B 160 18.63 42.20 18.15
N LEU B 161 17.94 41.19 17.62
CA LEU B 161 17.26 40.16 18.45
C LEU B 161 18.19 38.97 18.82
N MET B 162 19.46 38.99 18.43
CA MET B 162 20.40 37.87 18.69
C MET B 162 20.67 37.67 20.19
N GLN B 163 20.79 36.41 20.63
CA GLN B 163 21.08 36.05 22.06
C GLN B 163 22.54 36.41 22.36
N PRO B 164 22.85 37.17 23.43
CA PRO B 164 24.22 37.64 23.70
C PRO B 164 25.28 36.55 23.87
N LYS B 165 24.93 35.26 23.68
CA LYS B 165 25.95 34.25 23.43
C LYS B 165 26.53 34.40 22.03
N TYR B 166 25.79 35.06 21.13
CA TYR B 166 26.23 35.18 19.75
C TYR B 166 26.70 36.60 19.43
N ARG B 167 26.21 37.58 20.18
CA ARG B 167 26.44 38.98 19.79
C ARG B 167 27.77 39.51 20.34
N GLU B 168 28.40 38.76 21.26
CA GLU B 168 29.65 39.23 21.84
C GLU B 168 30.80 39.09 20.84
N SER B 169 30.82 38.02 20.07
CA SER B 169 31.94 37.75 19.17
C SER B 169 31.62 38.05 17.70
N ILE B 170 30.35 38.29 17.36
CA ILE B 170 29.93 38.55 15.99
C ILE B 170 29.29 39.93 15.95
N PRO B 171 30.05 41.00 15.70
CA PRO B 171 29.43 42.34 15.68
C PRO B 171 28.84 42.69 14.32
N ARG B 172 28.06 43.77 14.28
CA ARG B 172 27.54 44.28 13.02
C ARG B 172 28.67 44.89 12.20
N HIS B 173 28.45 45.04 10.90
CA HIS B 173 29.30 45.52 9.81
C HIS B 173 30.49 44.60 9.50
N GLU B 174 30.54 43.40 10.10
CA GLU B 174 31.47 42.39 9.60
C GLU B 174 30.80 41.47 8.59
N VAL B 175 29.48 41.33 8.67
CA VAL B 175 28.72 40.48 7.76
C VAL B 175 28.01 41.37 6.74
N LYS B 176 28.00 40.93 5.49
CA LYS B 176 27.27 41.61 4.42
C LYS B 176 26.21 40.71 3.80
N THR B 177 26.60 39.51 3.37
CA THR B 177 25.68 38.56 2.79
C THR B 177 24.94 37.84 3.93
N PHE B 178 23.77 37.30 3.62
CA PHE B 178 22.95 36.65 4.65
C PHE B 178 23.53 35.29 5.05
N ARG B 179 24.36 34.70 4.19
CA ARG B 179 24.99 33.42 4.53
C ARG B 179 26.07 33.58 5.59
N GLU B 180 26.64 34.78 5.72
CA GLU B 180 27.78 34.99 6.62
C GLU B 180 27.35 34.88 8.08
N LEU B 181 26.09 35.19 8.38
CA LEU B 181 25.60 35.08 9.74
C LEU B 181 25.56 33.63 10.20
N LEU B 182 25.04 32.73 9.35
CA LEU B 182 25.02 31.31 9.69
C LEU B 182 26.43 30.73 9.69
N ASP B 183 27.27 31.19 8.76
CA ASP B 183 28.61 30.61 8.62
C ASP B 183 29.51 31.04 9.76
N ARG B 184 29.23 32.20 10.37
CA ARG B 184 30.00 32.60 11.54
C ARG B 184 29.30 32.20 12.83
N GLY B 185 28.03 31.80 12.75
CA GLY B 185 27.35 31.33 13.94
C GLY B 185 27.64 29.87 14.25
N ARG B 186 27.90 29.08 13.20
CA ARG B 186 28.16 27.65 13.42
C ARG B 186 29.47 27.41 14.14
N THR B 187 30.45 28.29 13.95
CA THR B 187 31.73 28.16 14.64
C THR B 187 31.59 28.44 16.13
N VAL B 188 30.82 29.47 16.48
CA VAL B 188 30.59 29.78 17.89
C VAL B 188 29.68 28.73 18.53
N GLU B 189 28.83 28.09 17.72
CA GLU B 189 28.03 26.98 18.24
C GLU B 189 28.90 25.75 18.52
N ARG B 190 29.85 25.47 17.64
CA ARG B 190 30.75 24.34 17.81
C ARG B 190 31.74 24.55 18.96
N THR B 191 32.24 25.78 19.13
CA THR B 191 33.24 26.11 20.14
C THR B 191 32.74 25.87 21.57
N ARG B 192 31.46 26.11 21.83
CA ARG B 192 30.77 25.83 23.09
C ARG B 192 31.41 26.52 24.28
N LYS C 29 14.11 -0.77 -21.68
CA LYS C 29 13.32 0.05 -20.77
C LYS C 29 13.84 -0.09 -19.33
N GLY C 30 13.69 0.97 -18.55
CA GLY C 30 14.10 0.97 -17.16
C GLY C 30 15.57 1.35 -16.99
N SER C 31 15.82 2.06 -15.90
CA SER C 31 17.17 2.53 -15.57
C SER C 31 17.42 2.29 -14.08
N PHE C 32 17.09 1.07 -13.64
CA PHE C 32 17.39 0.56 -12.28
C PHE C 32 16.72 1.41 -11.20
N SER C 33 15.39 1.48 -11.25
CA SER C 33 14.67 2.34 -10.31
C SER C 33 14.64 1.72 -8.91
N ASN C 34 14.00 0.55 -8.77
CA ASN C 34 13.88 -0.11 -7.48
C ASN C 34 13.50 -1.56 -7.74
N CYS C 35 14.06 -2.46 -6.92
CA CYS C 35 13.81 -3.88 -7.06
C CYS C 35 13.65 -4.50 -5.69
N THR C 36 13.56 -5.84 -5.67
CA THR C 36 13.24 -6.54 -4.43
C THR C 36 14.47 -6.75 -3.56
N VAL C 37 15.60 -7.16 -4.18
CA VAL C 37 16.72 -7.64 -3.40
C VAL C 37 17.51 -6.47 -2.80
N ARG C 38 18.16 -6.73 -1.67
CA ARG C 38 18.87 -5.72 -0.92
C ARG C 38 20.02 -6.39 -0.18
N PHE C 39 21.00 -5.60 0.25
CA PHE C 39 22.21 -6.13 0.86
C PHE C 39 22.33 -5.59 2.29
N SER C 40 23.03 -6.32 3.15
CA SER C 40 23.17 -5.97 4.56
C SER C 40 24.61 -6.01 5.04
N GLY C 41 25.48 -6.80 4.43
CA GLY C 41 26.82 -6.99 4.93
C GLY C 41 26.87 -7.96 6.09
N GLN C 42 26.47 -9.21 5.84
CA GLN C 42 26.36 -10.20 6.89
C GLN C 42 27.63 -11.05 7.04
N ARG C 43 28.55 -10.98 6.07
CA ARG C 43 29.78 -11.77 6.02
C ARG C 43 29.49 -13.27 6.09
N ASP C 44 28.66 -13.74 5.17
CA ASP C 44 28.51 -15.16 4.87
C ASP C 44 28.63 -15.31 3.36
N HIS C 45 28.90 -16.53 2.89
CA HIS C 45 29.14 -16.70 1.47
C HIS C 45 27.82 -16.73 0.69
N ASP C 46 26.76 -17.27 1.30
CA ASP C 46 25.53 -17.56 0.57
C ASP C 46 24.77 -16.29 0.21
N ALA C 47 24.62 -15.37 1.17
CA ALA C 47 23.87 -14.14 0.91
C ALA C 47 24.61 -13.24 -0.06
N VAL C 48 25.94 -13.17 0.06
CA VAL C 48 26.75 -12.34 -0.84
C VAL C 48 26.72 -12.91 -2.25
N ASP C 49 26.73 -14.23 -2.39
CA ASP C 49 26.68 -14.82 -3.73
C ASP C 49 25.29 -14.66 -4.34
N GLU C 50 24.24 -14.79 -3.53
CA GLU C 50 22.88 -14.62 -4.02
C GLU C 50 22.61 -13.20 -4.48
N PHE C 51 23.17 -12.22 -3.76
CA PHE C 51 22.99 -10.81 -4.13
C PHE C 51 23.62 -10.51 -5.48
N ILE C 52 24.85 -10.97 -5.71
CA ILE C 52 25.55 -10.73 -6.98
C ILE C 52 24.84 -11.47 -8.11
N ASN C 53 24.32 -12.67 -7.83
CA ASN C 53 23.59 -13.44 -8.84
C ASN C 53 22.31 -12.72 -9.26
N ALA C 54 21.56 -12.20 -8.29
CA ALA C 54 20.31 -11.51 -8.59
C ALA C 54 20.56 -10.21 -9.36
N VAL C 55 21.58 -9.45 -8.98
CA VAL C 55 21.87 -8.18 -9.65
C VAL C 55 22.37 -8.43 -11.07
N GLU C 56 23.23 -9.43 -11.24
CA GLU C 56 23.82 -9.69 -12.56
C GLU C 56 22.80 -10.33 -13.49
N THR C 57 21.77 -10.99 -12.93
CA THR C 57 20.70 -11.49 -13.78
C THR C 57 19.74 -10.38 -14.18
N TYR C 58 19.42 -9.49 -13.23
CA TYR C 58 18.49 -8.38 -13.51
C TYR C 58 19.07 -7.39 -14.52
N LYS C 59 20.39 -7.18 -14.47
CA LYS C 59 21.03 -6.27 -15.41
C LYS C 59 20.99 -6.82 -16.83
N GLU C 60 21.09 -8.15 -16.98
CA GLU C 60 21.06 -8.73 -18.31
C GLU C 60 19.63 -8.84 -18.83
N VAL C 61 18.67 -9.00 -17.93
CA VAL C 61 17.27 -9.13 -18.38
C VAL C 61 16.71 -7.77 -18.80
N GLU C 62 16.83 -6.76 -17.94
CA GLU C 62 16.12 -5.51 -18.19
C GLU C 62 16.75 -4.66 -19.28
N GLY C 63 18.01 -4.92 -19.65
CA GLY C 63 18.64 -4.16 -20.72
C GLY C 63 19.17 -2.82 -20.28
N ILE C 64 19.90 -2.80 -19.17
CA ILE C 64 20.48 -1.60 -18.60
C ILE C 64 21.91 -1.46 -19.09
N SER C 65 22.27 -0.27 -19.55
CA SER C 65 23.60 -0.03 -20.12
C SER C 65 24.68 -0.13 -19.04
N ASP C 66 25.92 -0.35 -19.49
CA ASP C 66 27.01 -0.68 -18.59
C ASP C 66 27.44 0.53 -17.77
N LYS C 67 27.44 1.71 -18.39
CA LYS C 67 27.83 2.93 -17.66
C LYS C 67 26.71 3.36 -16.73
N ASP C 68 25.45 3.21 -17.15
CA ASP C 68 24.33 3.75 -16.38
C ASP C 68 24.02 2.92 -15.15
N ALA C 69 24.56 1.71 -15.06
CA ALA C 69 24.26 0.84 -13.92
C ALA C 69 24.99 1.31 -12.66
N LEU C 70 26.14 1.94 -12.82
CA LEU C 70 26.95 2.34 -11.66
C LEU C 70 26.35 3.53 -10.94
N LYS C 71 25.65 4.41 -11.67
CA LYS C 71 25.14 5.63 -11.05
C LYS C 71 23.95 5.35 -10.15
N GLY C 72 23.28 4.22 -10.35
CA GLY C 72 22.19 3.80 -9.50
C GLY C 72 22.55 2.78 -8.45
N LEU C 73 23.85 2.56 -8.22
CA LEU C 73 24.26 1.52 -7.28
C LEU C 73 24.09 1.83 -5.80
N PRO C 74 24.32 3.05 -5.27
CA PRO C 74 24.10 3.24 -3.82
C PRO C 74 22.64 3.28 -3.39
N LEU C 75 21.68 3.05 -4.28
CA LEU C 75 20.29 2.94 -3.86
C LEU C 75 20.01 1.59 -3.21
N LEU C 76 20.90 0.61 -3.39
CA LEU C 76 20.64 -0.72 -2.86
C LEU C 76 21.20 -0.89 -1.47
N PHE C 77 22.25 -0.14 -1.12
CA PHE C 77 22.88 -0.31 0.17
C PHE C 77 22.05 0.39 1.26
N LYS C 78 21.99 -0.22 2.45
CA LYS C 78 21.08 0.23 3.50
C LYS C 78 21.69 0.28 4.89
N SER C 79 22.92 -0.17 5.08
CA SER C 79 23.40 -0.60 6.38
C SER C 79 24.83 -0.12 6.62
N ILE C 80 25.55 -0.86 7.47
CA ILE C 80 27.01 -0.75 7.62
C ILE C 80 27.73 -0.74 6.26
N ALA C 81 27.18 -1.40 5.23
CA ALA C 81 27.82 -1.42 3.92
C ALA C 81 27.73 -0.06 3.20
N VAL C 82 26.88 0.86 3.67
CA VAL C 82 26.91 2.22 3.11
C VAL C 82 28.17 2.94 3.57
N VAL C 83 28.55 2.73 4.83
CA VAL C 83 29.82 3.21 5.35
C VAL C 83 30.98 2.58 4.58
N TRP C 84 30.81 1.32 4.15
CA TRP C 84 31.81 0.67 3.31
C TRP C 84 31.90 1.30 1.93
N TRP C 85 30.76 1.60 1.32
CA TRP C 85 30.77 2.12 -0.05
C TRP C 85 31.20 3.58 -0.08
N LYS C 86 31.06 4.29 1.05
CA LYS C 86 31.49 5.69 1.10
C LYS C 86 33.01 5.80 1.12
N GLY C 87 33.70 4.74 1.52
CA GLY C 87 35.14 4.81 1.63
C GLY C 87 35.87 4.50 0.33
N VAL C 88 35.29 3.62 -0.50
CA VAL C 88 35.96 3.14 -1.70
C VAL C 88 35.23 3.58 -2.98
N ARG C 89 34.56 4.74 -2.95
CA ARG C 89 33.88 5.24 -4.13
C ARG C 89 34.87 5.66 -5.22
N ARG C 90 36.04 6.15 -4.81
CA ARG C 90 37.03 6.62 -5.77
C ARG C 90 37.86 5.49 -6.36
N ASP C 91 37.58 4.23 -5.99
CA ASP C 91 38.45 3.14 -6.40
C ASP C 91 38.02 2.55 -7.73
N ALA C 92 36.72 2.39 -7.93
CA ALA C 92 36.19 1.68 -9.08
C ALA C 92 35.52 2.64 -10.04
N LYS C 93 35.73 2.43 -11.34
CA LYS C 93 35.07 3.18 -12.40
C LYS C 93 34.28 2.27 -13.34
N THR C 94 34.74 1.05 -13.53
CA THR C 94 34.05 0.10 -14.40
C THR C 94 33.21 -0.85 -13.55
N TRP C 95 32.12 -1.37 -14.14
CA TRP C 95 31.17 -2.20 -13.40
C TRP C 95 31.79 -3.53 -12.98
N SER C 96 32.70 -4.07 -13.80
CA SER C 96 33.35 -5.33 -13.46
C SER C 96 34.31 -5.16 -12.28
N ASP C 97 35.02 -4.02 -12.25
CA ASP C 97 35.93 -3.76 -11.15
C ASP C 97 35.17 -3.49 -9.86
N ALA C 98 34.00 -2.86 -9.95
CA ALA C 98 33.17 -2.62 -8.78
C ALA C 98 32.57 -3.93 -8.27
N LEU C 99 32.25 -4.85 -9.19
CA LEU C 99 31.74 -6.16 -8.80
C LEU C 99 32.81 -6.97 -8.09
N GLN C 100 34.05 -6.94 -8.61
CA GLN C 100 35.15 -7.64 -7.94
C GLN C 100 35.49 -7.00 -6.60
N LEU C 101 35.32 -5.67 -6.50
CA LEU C 101 35.56 -4.99 -5.24
C LEU C 101 34.48 -5.32 -4.22
N LEU C 102 33.26 -5.59 -4.69
CA LEU C 102 32.22 -6.04 -3.78
C LEU C 102 32.44 -7.49 -3.36
N ARG C 103 33.04 -8.29 -4.23
CA ARG C 103 33.29 -9.68 -3.89
C ARG C 103 34.49 -9.82 -2.94
N ASP C 104 35.46 -8.92 -3.04
CA ASP C 104 36.75 -9.13 -2.39
C ASP C 104 36.69 -8.92 -0.88
N HIS C 105 35.83 -8.01 -0.42
CA HIS C 105 35.85 -7.62 0.99
C HIS C 105 34.93 -8.51 1.83
N PHE C 106 33.88 -9.06 1.22
CA PHE C 106 32.87 -9.76 2.02
C PHE C 106 33.06 -11.28 1.96
N SER C 107 33.11 -11.85 0.76
CA SER C 107 33.39 -13.27 0.60
C SER C 107 34.82 -13.44 0.15
N PRO C 108 35.75 -13.70 1.07
CA PRO C 108 37.18 -13.47 0.79
C PRO C 108 37.97 -14.62 0.18
N THR C 109 37.30 -15.69 -0.28
CA THR C 109 37.92 -16.90 -0.82
C THR C 109 38.92 -17.50 0.18
N LYS C 110 38.37 -18.01 1.29
CA LYS C 110 39.13 -18.60 2.37
C LYS C 110 39.98 -19.77 1.90
N PRO C 111 41.13 -20.02 2.54
CA PRO C 111 42.07 -21.02 2.01
C PRO C 111 41.57 -22.46 2.13
N SER C 112 42.42 -23.38 1.69
CA SER C 112 41.99 -24.75 1.47
C SER C 112 41.81 -25.52 2.78
N TYR C 113 42.65 -25.23 3.78
CA TYR C 113 42.66 -26.06 4.98
C TYR C 113 41.44 -25.80 5.85
N GLN C 114 40.86 -24.61 5.75
CA GLN C 114 39.59 -24.33 6.44
C GLN C 114 38.46 -25.16 5.85
N ILE C 115 38.42 -25.28 4.52
CA ILE C 115 37.38 -26.06 3.86
C ILE C 115 37.55 -27.54 4.15
N TYR C 116 38.80 -28.01 4.13
CA TYR C 116 39.06 -29.43 4.39
C TYR C 116 38.79 -29.79 5.84
N MET C 117 38.98 -28.85 6.76
CA MET C 117 38.65 -29.12 8.16
C MET C 117 37.15 -28.93 8.40
N GLU C 118 36.47 -28.21 7.50
CA GLU C 118 35.04 -27.98 7.69
C GLU C 118 34.20 -29.11 7.14
N ILE C 119 34.68 -29.78 6.08
CA ILE C 119 33.89 -30.87 5.44
C ILE C 119 33.87 -32.11 6.33
N PHE C 120 34.62 -32.10 7.43
CA PHE C 120 34.67 -33.28 8.34
C PHE C 120 34.19 -32.90 9.74
N GLU C 121 33.82 -31.62 9.93
CA GLU C 121 33.38 -31.16 11.27
C GLU C 121 31.88 -31.40 11.47
N THR C 122 31.20 -32.01 10.49
CA THR C 122 29.77 -32.26 10.64
C THR C 122 29.40 -33.55 9.95
N LYS C 123 28.91 -34.52 10.72
CA LYS C 123 28.35 -35.73 10.14
C LYS C 123 26.89 -35.49 9.76
N GLN C 124 26.24 -36.54 9.24
CA GLN C 124 24.84 -36.46 8.87
C GLN C 124 23.97 -36.84 10.05
N SER C 125 23.16 -35.89 10.52
CA SER C 125 22.24 -36.17 11.60
C SER C 125 21.07 -37.02 11.09
N TYR C 126 20.39 -37.66 12.02
CA TYR C 126 19.27 -38.53 11.66
C TYR C 126 18.03 -37.71 11.31
N ASP C 127 17.04 -38.42 10.74
CA ASP C 127 15.87 -37.90 9.98
C ASP C 127 16.18 -36.62 9.19
N GLU C 128 17.15 -36.70 8.30
CA GLU C 128 17.50 -35.59 7.41
C GLU C 128 17.56 -36.13 5.98
N VAL C 129 16.90 -35.43 5.07
CA VAL C 129 16.78 -35.92 3.69
C VAL C 129 18.12 -35.72 2.98
N ILE C 130 18.35 -36.53 1.93
CA ILE C 130 19.67 -36.59 1.33
C ILE C 130 19.89 -35.44 0.35
N ASP C 131 18.80 -34.77 -0.07
CA ASP C 131 18.91 -33.75 -1.10
C ASP C 131 19.56 -32.48 -0.57
N SER C 132 19.08 -31.97 0.57
CA SER C 132 19.67 -30.77 1.15
C SER C 132 21.09 -31.03 1.63
N PHE C 133 21.36 -32.26 2.07
CA PHE C 133 22.70 -32.66 2.50
C PHE C 133 23.68 -32.61 1.33
N ILE C 134 23.31 -33.23 0.20
CA ILE C 134 24.23 -33.26 -0.93
C ILE C 134 24.34 -31.88 -1.58
N CYS C 135 23.30 -31.06 -1.45
CA CYS C 135 23.34 -29.70 -1.97
C CYS C 135 24.32 -28.83 -1.18
N LYS C 136 24.23 -28.90 0.16
CA LYS C 136 25.16 -28.15 1.00
C LYS C 136 26.58 -28.65 0.87
N GLN C 137 26.76 -29.97 0.69
CA GLN C 137 28.11 -30.51 0.56
C GLN C 137 28.75 -30.12 -0.77
N ARG C 138 27.98 -30.11 -1.86
CA ARG C 138 28.54 -29.67 -3.14
C ARG C 138 28.80 -28.16 -3.13
N ALA C 139 27.93 -27.38 -2.48
CA ALA C 139 28.12 -25.94 -2.43
C ALA C 139 29.31 -25.56 -1.56
N LEU C 140 29.63 -26.40 -0.57
CA LEU C 140 30.82 -26.13 0.24
C LEU C 140 32.08 -26.68 -0.43
N LEU C 141 31.93 -27.70 -1.28
CA LEU C 141 33.12 -28.28 -1.90
C LEU C 141 33.50 -27.52 -3.17
N ALA C 142 32.59 -26.73 -3.73
CA ALA C 142 32.91 -25.98 -4.94
C ALA C 142 33.77 -24.74 -4.69
N LYS C 143 34.21 -24.51 -3.44
CA LYS C 143 35.09 -23.37 -3.16
C LYS C 143 36.55 -23.70 -3.45
N LEU C 144 36.86 -24.97 -3.67
CA LEU C 144 38.22 -25.41 -3.91
C LEU C 144 38.72 -24.91 -5.28
N PRO C 145 40.04 -24.94 -5.50
CA PRO C 145 40.55 -24.68 -6.86
C PRO C 145 40.10 -25.75 -7.84
N GLU C 146 39.56 -25.30 -8.97
CA GLU C 146 39.05 -26.22 -9.98
C GLU C 146 40.21 -26.92 -10.68
N GLY C 147 39.97 -28.16 -11.10
CA GLY C 147 41.01 -28.97 -11.68
C GLY C 147 41.89 -29.70 -10.69
N ARG C 148 41.52 -29.69 -9.41
CA ARG C 148 42.29 -30.37 -8.38
C ARG C 148 41.64 -31.66 -7.90
N HIS C 149 40.44 -31.98 -8.40
CA HIS C 149 39.72 -33.16 -7.98
C HIS C 149 38.90 -33.71 -9.12
N ASP C 150 39.03 -35.00 -9.39
CA ASP C 150 38.24 -35.67 -10.41
C ASP C 150 36.85 -35.99 -9.89
N GLU C 151 36.10 -36.75 -10.69
CA GLU C 151 34.73 -37.09 -10.30
C GLU C 151 34.72 -38.22 -9.26
N GLU C 152 35.67 -39.14 -9.39
CA GLU C 152 35.75 -40.32 -8.49
C GLU C 152 36.03 -39.92 -7.03
N THR C 153 36.96 -38.99 -6.80
CA THR C 153 37.34 -38.59 -5.41
C THR C 153 36.16 -37.98 -4.65
N GLU C 154 35.25 -37.21 -5.25
CA GLU C 154 34.14 -36.63 -4.41
C GLU C 154 33.20 -37.68 -3.78
N LEU C 155 32.83 -38.71 -4.56
CA LEU C 155 31.82 -39.73 -4.16
C LEU C 155 32.22 -40.49 -2.89
N ASP C 156 33.50 -40.85 -2.73
CA ASP C 156 33.91 -41.62 -1.54
C ASP C 156 33.63 -40.78 -0.28
N PHE C 157 33.96 -39.49 -0.33
CA PHE C 157 33.73 -38.60 0.84
C PHE C 157 32.24 -38.53 1.16
N ILE C 158 31.39 -38.38 0.13
CA ILE C 158 29.93 -38.30 0.44
C ILE C 158 29.46 -39.61 1.11
N TYR C 159 29.92 -40.74 0.59
CA TYR C 159 29.50 -42.06 1.12
C TYR C 159 29.94 -42.18 2.59
N GLY C 160 31.18 -41.77 2.88
CA GLY C 160 31.70 -41.86 4.25
C GLY C 160 30.87 -41.00 5.21
N LEU C 161 30.48 -39.82 4.74
CA LEU C 161 29.66 -38.86 5.53
C LEU C 161 28.27 -39.40 5.90
N MET C 162 27.62 -40.19 5.03
CA MET C 162 26.21 -40.63 5.33
C MET C 162 25.98 -41.51 6.58
N GLN C 163 24.79 -41.34 7.21
CA GLN C 163 24.15 -42.04 8.30
C GLN C 163 24.05 -43.54 7.97
N PRO C 164 24.12 -44.41 8.98
CA PRO C 164 23.99 -45.85 8.71
C PRO C 164 22.60 -46.33 8.27
N LYS C 165 21.64 -45.42 8.06
CA LYS C 165 20.40 -45.81 7.41
C LYS C 165 20.64 -46.14 5.93
N TYR C 166 21.69 -45.58 5.35
CA TYR C 166 21.87 -45.69 3.90
C TYR C 166 23.03 -46.63 3.56
N ARG C 167 24.00 -46.76 4.46
CA ARG C 167 25.24 -47.48 4.12
C ARG C 167 25.01 -48.99 4.09
N GLU C 168 24.02 -49.48 4.84
CA GLU C 168 23.82 -50.92 4.92
C GLU C 168 23.13 -51.44 3.66
N SER C 169 22.39 -50.58 2.95
CA SER C 169 21.72 -51.03 1.74
C SER C 169 22.46 -50.57 0.49
N ILE C 170 23.21 -49.49 0.58
CA ILE C 170 24.02 -48.99 -0.53
C ILE C 170 25.49 -49.23 -0.18
N PRO C 171 26.13 -50.25 -0.74
CA PRO C 171 27.56 -50.44 -0.52
C PRO C 171 28.39 -49.75 -1.58
N ARG C 172 29.68 -49.61 -1.28
CA ARG C 172 30.63 -48.99 -2.19
C ARG C 172 30.83 -49.87 -3.42
N HIS C 173 31.17 -49.22 -4.54
CA HIS C 173 31.48 -49.68 -5.92
C HIS C 173 30.22 -49.93 -6.74
N GLU C 174 29.02 -49.75 -6.19
CA GLU C 174 27.81 -49.82 -7.00
C GLU C 174 27.65 -48.54 -7.84
N VAL C 175 27.85 -47.38 -7.23
CA VAL C 175 27.63 -46.10 -7.89
C VAL C 175 28.96 -45.53 -8.34
N LYS C 176 28.97 -44.93 -9.53
CA LYS C 176 30.12 -44.23 -10.08
C LYS C 176 29.84 -42.76 -10.34
N THR C 177 28.79 -42.46 -11.07
CA THR C 177 28.42 -41.08 -11.36
C THR C 177 27.63 -40.52 -10.19
N PHE C 178 27.65 -39.19 -10.04
CA PHE C 178 27.14 -38.55 -8.84
C PHE C 178 25.62 -38.54 -8.80
N ARG C 179 24.97 -38.81 -9.93
CA ARG C 179 23.50 -38.78 -9.98
C ARG C 179 22.91 -40.10 -9.50
N GLU C 180 23.62 -41.20 -9.72
CA GLU C 180 23.08 -42.52 -9.37
C GLU C 180 23.03 -42.74 -7.86
N LEU C 181 23.82 -41.96 -7.11
CA LEU C 181 23.73 -42.03 -5.64
C LEU C 181 22.40 -41.48 -5.15
N LEU C 182 21.97 -40.34 -5.69
CA LEU C 182 20.65 -39.81 -5.36
C LEU C 182 19.55 -40.71 -5.90
N ASP C 183 19.78 -41.30 -7.08
CA ASP C 183 18.79 -42.19 -7.69
C ASP C 183 18.58 -43.45 -6.86
N ARG C 184 19.65 -43.95 -6.23
CA ARG C 184 19.52 -45.14 -5.39
C ARG C 184 19.21 -44.76 -3.94
N GLY C 185 19.27 -43.47 -3.62
CA GLY C 185 18.88 -43.04 -2.28
C GLY C 185 17.39 -42.75 -2.17
N ARG C 186 16.81 -42.15 -3.21
CA ARG C 186 15.40 -41.74 -3.12
C ARG C 186 14.46 -42.94 -3.12
N THR C 187 14.88 -44.05 -3.71
CA THR C 187 14.06 -45.26 -3.68
C THR C 187 14.02 -45.86 -2.27
N VAL C 188 15.16 -45.88 -1.58
CA VAL C 188 15.20 -46.37 -0.21
C VAL C 188 14.48 -45.40 0.73
N GLU C 189 14.47 -44.12 0.37
CA GLU C 189 13.72 -43.15 1.16
C GLU C 189 12.21 -43.33 0.98
N ARG C 190 11.78 -43.59 -0.25
CA ARG C 190 10.36 -43.80 -0.52
C ARG C 190 9.87 -45.11 0.10
N THR C 191 10.73 -46.12 0.12
CA THR C 191 10.37 -47.41 0.71
C THR C 191 10.29 -47.27 2.23
N ARG C 192 11.17 -46.42 2.78
CA ARG C 192 11.30 -46.10 4.22
C ARG C 192 11.67 -47.31 5.10
N LYS D 29 0.55 -2.90 -20.24
CA LYS D 29 -0.73 -3.56 -20.49
C LYS D 29 -1.22 -4.28 -19.23
N GLY D 30 -0.81 -5.53 -19.09
CA GLY D 30 -1.18 -6.34 -17.94
C GLY D 30 -2.57 -6.94 -18.08
N SER D 31 -2.71 -8.17 -17.56
CA SER D 31 -3.97 -8.90 -17.62
C SER D 31 -4.03 -9.89 -16.47
N PHE D 32 -4.83 -9.55 -15.45
CA PHE D 32 -5.11 -10.43 -14.29
C PHE D 32 -3.85 -10.87 -13.56
N SER D 33 -2.92 -9.93 -13.35
CA SER D 33 -1.77 -10.22 -12.51
C SER D 33 -2.21 -10.41 -11.06
N ASN D 34 -2.89 -9.42 -10.51
CA ASN D 34 -3.58 -9.52 -9.23
C ASN D 34 -4.78 -8.59 -9.30
N CYS D 35 -5.36 -8.33 -8.13
CA CYS D 35 -6.49 -7.41 -8.02
C CYS D 35 -6.49 -6.78 -6.64
N THR D 36 -7.44 -5.86 -6.44
CA THR D 36 -7.64 -5.31 -5.10
C THR D 36 -8.31 -6.33 -4.20
N VAL D 37 -9.29 -7.06 -4.72
CA VAL D 37 -10.04 -8.06 -3.98
C VAL D 37 -9.79 -9.43 -4.59
N ARG D 38 -9.87 -10.47 -3.75
CA ARG D 38 -9.80 -11.86 -4.20
C ARG D 38 -10.94 -12.64 -3.55
N PHE D 39 -10.95 -13.94 -3.77
CA PHE D 39 -12.08 -14.79 -3.38
C PHE D 39 -11.68 -15.69 -2.22
N SER D 40 -12.65 -16.07 -1.40
CA SER D 40 -12.42 -16.91 -0.22
C SER D 40 -13.40 -18.06 -0.07
N GLY D 41 -14.62 -17.95 -0.62
CA GLY D 41 -15.59 -19.02 -0.51
C GLY D 41 -16.15 -19.22 0.89
N GLN D 42 -16.95 -18.28 1.38
CA GLN D 42 -17.41 -18.31 2.75
C GLN D 42 -18.94 -18.49 2.86
N ARG D 43 -19.57 -19.03 1.81
CA ARG D 43 -21.00 -19.41 1.80
C ARG D 43 -21.94 -18.25 2.11
N ASP D 44 -21.72 -17.12 1.44
CA ASP D 44 -22.52 -15.92 1.66
C ASP D 44 -22.84 -15.27 0.32
N HIS D 45 -24.03 -14.67 0.22
CA HIS D 45 -24.44 -14.06 -1.04
C HIS D 45 -23.70 -12.75 -1.31
N ASP D 46 -23.48 -11.95 -0.26
CA ASP D 46 -22.97 -10.60 -0.43
C ASP D 46 -21.51 -10.60 -0.87
N ALA D 47 -20.70 -11.50 -0.29
CA ALA D 47 -19.28 -11.56 -0.62
C ALA D 47 -19.06 -12.02 -2.05
N VAL D 48 -19.81 -13.04 -2.49
CA VAL D 48 -19.62 -13.56 -3.85
C VAL D 48 -20.20 -12.59 -4.87
N ASP D 49 -21.22 -11.82 -4.48
CA ASP D 49 -21.77 -10.82 -5.41
C ASP D 49 -20.83 -9.64 -5.57
N GLU D 50 -20.21 -9.20 -4.46
CA GLU D 50 -19.23 -8.12 -4.52
C GLU D 50 -18.01 -8.54 -5.32
N PHE D 51 -17.55 -9.79 -5.14
CA PHE D 51 -16.39 -10.30 -5.87
C PHE D 51 -16.68 -10.39 -7.38
N ILE D 52 -17.85 -10.92 -7.74
CA ILE D 52 -18.15 -11.12 -9.15
C ILE D 52 -18.42 -9.79 -9.84
N ASN D 53 -18.93 -8.80 -9.09
CA ASN D 53 -19.18 -7.49 -9.68
C ASN D 53 -17.87 -6.73 -9.88
N ALA D 54 -16.95 -6.84 -8.91
CA ALA D 54 -15.65 -6.20 -9.07
C ALA D 54 -14.85 -6.83 -10.19
N VAL D 55 -14.94 -8.15 -10.36
CA VAL D 55 -14.23 -8.83 -11.44
C VAL D 55 -14.82 -8.43 -12.80
N GLU D 56 -16.15 -8.31 -12.89
CA GLU D 56 -16.77 -7.91 -14.15
C GLU D 56 -16.43 -6.46 -14.51
N THR D 57 -16.42 -5.55 -13.54
CA THR D 57 -16.12 -4.16 -13.89
C THR D 57 -14.64 -3.97 -14.18
N TYR D 58 -13.77 -4.79 -13.57
CA TYR D 58 -12.35 -4.73 -13.91
C TYR D 58 -12.10 -5.26 -15.32
N LYS D 59 -12.79 -6.35 -15.68
CA LYS D 59 -12.67 -6.88 -17.04
C LYS D 59 -13.22 -5.90 -18.07
N GLU D 60 -14.28 -5.17 -17.71
CA GLU D 60 -14.82 -4.19 -18.64
C GLU D 60 -13.91 -2.97 -18.78
N VAL D 61 -13.29 -2.53 -17.69
CA VAL D 61 -12.51 -1.30 -17.75
C VAL D 61 -11.13 -1.54 -18.34
N GLU D 62 -10.60 -2.76 -18.21
CA GLU D 62 -9.24 -3.00 -18.67
C GLU D 62 -9.20 -3.31 -20.17
N GLY D 63 -10.25 -3.93 -20.69
CA GLY D 63 -10.28 -4.31 -22.09
C GLY D 63 -9.79 -5.71 -22.39
N ILE D 64 -9.88 -6.63 -21.43
CA ILE D 64 -9.38 -7.98 -21.64
C ILE D 64 -10.39 -8.76 -22.48
N SER D 65 -9.89 -9.51 -23.45
CA SER D 65 -10.76 -10.33 -24.30
C SER D 65 -11.29 -11.53 -23.51
N ASP D 66 -12.26 -12.23 -24.13
CA ASP D 66 -12.90 -13.36 -23.46
C ASP D 66 -12.00 -14.59 -23.47
N LYS D 67 -11.18 -14.75 -24.51
CA LYS D 67 -10.28 -15.90 -24.59
C LYS D 67 -9.17 -15.79 -23.56
N ASP D 68 -8.68 -14.57 -23.31
CA ASP D 68 -7.62 -14.38 -22.33
C ASP D 68 -8.15 -14.44 -20.91
N ALA D 69 -9.47 -14.29 -20.74
CA ALA D 69 -10.03 -14.15 -19.40
C ALA D 69 -10.10 -15.49 -18.68
N LEU D 70 -10.47 -16.56 -19.39
CA LEU D 70 -10.61 -17.86 -18.73
C LEU D 70 -9.24 -18.47 -18.41
N LYS D 71 -8.24 -18.16 -19.23
CA LYS D 71 -6.91 -18.74 -19.00
C LYS D 71 -6.23 -18.09 -17.80
N GLY D 72 -6.62 -16.85 -17.47
CA GLY D 72 -6.05 -16.16 -16.33
C GLY D 72 -6.89 -16.26 -15.08
N LEU D 73 -7.85 -17.17 -15.09
CA LEU D 73 -8.73 -17.33 -13.93
C LEU D 73 -8.07 -17.94 -12.68
N PRO D 74 -7.25 -19.01 -12.71
CA PRO D 74 -6.79 -19.60 -11.44
C PRO D 74 -5.78 -18.78 -10.65
N LEU D 75 -5.47 -17.55 -11.06
CA LEU D 75 -4.61 -16.70 -10.24
C LEU D 75 -5.39 -16.01 -9.13
N LEU D 76 -6.72 -16.13 -9.16
CA LEU D 76 -7.54 -15.37 -8.20
C LEU D 76 -7.79 -16.17 -6.93
N PHE D 77 -8.08 -17.47 -7.06
CA PHE D 77 -8.49 -18.28 -5.92
C PHE D 77 -7.28 -18.62 -5.05
N LYS D 78 -7.44 -18.53 -3.72
CA LYS D 78 -6.37 -18.81 -2.79
C LYS D 78 -6.74 -19.82 -1.70
N SER D 79 -7.98 -19.82 -1.23
CA SER D 79 -8.48 -20.71 -0.18
C SER D 79 -8.84 -22.06 -0.77
N ILE D 80 -9.70 -22.82 -0.08
CA ILE D 80 -10.19 -24.09 -0.61
C ILE D 80 -11.02 -23.98 -1.88
N ALA D 81 -11.26 -22.77 -2.40
CA ALA D 81 -11.84 -22.63 -3.73
C ALA D 81 -10.89 -23.11 -4.83
N VAL D 82 -9.58 -23.12 -4.58
CA VAL D 82 -8.65 -23.51 -5.66
C VAL D 82 -8.64 -25.03 -5.82
N VAL D 83 -8.87 -25.77 -4.74
CA VAL D 83 -8.97 -27.22 -4.87
C VAL D 83 -10.38 -27.59 -5.33
N TRP D 84 -11.31 -26.65 -5.24
CA TRP D 84 -12.58 -26.81 -5.93
C TRP D 84 -12.42 -26.61 -7.42
N TRP D 85 -11.59 -25.64 -7.82
CA TRP D 85 -11.37 -25.38 -9.24
C TRP D 85 -10.49 -26.44 -9.87
N LYS D 86 -9.69 -27.16 -9.07
CA LYS D 86 -8.87 -28.23 -9.61
C LYS D 86 -9.72 -29.41 -10.06
N GLY D 87 -10.94 -29.52 -9.53
CA GLY D 87 -11.82 -30.62 -9.93
C GLY D 87 -12.60 -30.31 -11.19
N VAL D 88 -13.24 -29.16 -11.26
CA VAL D 88 -14.23 -28.88 -12.28
C VAL D 88 -13.67 -28.01 -13.41
N ARG D 89 -12.36 -28.08 -13.64
CA ARG D 89 -11.72 -27.26 -14.68
C ARG D 89 -12.19 -27.67 -16.08
N ARG D 90 -12.29 -28.97 -16.33
CA ARG D 90 -12.67 -29.44 -17.66
C ARG D 90 -14.17 -29.30 -17.92
N ASP D 91 -14.95 -28.91 -16.92
CA ASP D 91 -16.41 -28.87 -17.09
C ASP D 91 -16.84 -27.61 -17.81
N ALA D 92 -15.98 -26.60 -17.84
CA ALA D 92 -16.32 -25.29 -18.40
C ALA D 92 -15.54 -25.04 -19.68
N LYS D 93 -16.20 -24.43 -20.66
CA LYS D 93 -15.57 -24.09 -21.93
C LYS D 93 -15.42 -22.59 -22.13
N THR D 94 -16.48 -21.81 -22.00
CA THR D 94 -16.45 -20.38 -22.26
C THR D 94 -16.46 -19.62 -20.94
N TRP D 95 -16.35 -18.30 -21.04
CA TRP D 95 -16.33 -17.45 -19.85
C TRP D 95 -17.69 -17.39 -19.19
N SER D 96 -18.76 -17.50 -19.99
CA SER D 96 -20.12 -17.34 -19.47
C SER D 96 -20.50 -18.52 -18.58
N ASP D 97 -20.24 -19.74 -19.04
CA ASP D 97 -20.59 -20.91 -18.24
C ASP D 97 -19.67 -21.04 -17.03
N ALA D 98 -18.41 -20.64 -17.17
CA ALA D 98 -17.47 -20.70 -16.06
C ALA D 98 -17.82 -19.67 -14.99
N LEU D 99 -18.43 -18.56 -15.41
CA LEU D 99 -18.89 -17.57 -14.42
C LEU D 99 -20.24 -17.98 -13.84
N GLN D 100 -21.04 -18.71 -14.63
CA GLN D 100 -22.33 -19.19 -14.13
C GLN D 100 -22.14 -20.28 -13.08
N LEU D 101 -21.08 -21.08 -13.23
CA LEU D 101 -20.81 -22.17 -12.28
C LEU D 101 -20.46 -21.64 -10.89
N LEU D 102 -19.82 -20.47 -10.83
CA LEU D 102 -19.44 -19.88 -9.56
C LEU D 102 -20.67 -19.44 -8.77
N ARG D 103 -21.72 -19.03 -9.46
CA ARG D 103 -22.97 -18.68 -8.80
C ARG D 103 -23.75 -19.95 -8.44
N ASP D 104 -23.53 -21.03 -9.20
CA ASP D 104 -24.32 -22.24 -9.00
C ASP D 104 -23.82 -23.04 -7.80
N HIS D 105 -22.51 -23.12 -7.62
CA HIS D 105 -21.98 -24.01 -6.58
C HIS D 105 -21.93 -23.32 -5.23
N PHE D 106 -21.80 -22.00 -5.18
CA PHE D 106 -21.62 -21.32 -3.90
C PHE D 106 -22.83 -20.54 -3.43
N SER D 107 -23.71 -20.10 -4.32
CA SER D 107 -24.95 -19.45 -3.90
C SER D 107 -26.09 -20.44 -4.04
N PRO D 108 -26.83 -20.72 -2.97
CA PRO D 108 -27.72 -21.90 -2.99
C PRO D 108 -29.00 -21.73 -3.78
N THR D 109 -29.46 -20.48 -4.01
CA THR D 109 -30.74 -20.09 -4.65
C THR D 109 -31.92 -20.92 -4.12
N LYS D 110 -32.22 -20.64 -2.84
CA LYS D 110 -33.12 -21.44 -2.00
C LYS D 110 -34.51 -21.59 -2.62
N PRO D 111 -35.18 -22.73 -2.40
CA PRO D 111 -36.53 -22.91 -2.93
C PRO D 111 -37.58 -22.16 -2.10
N SER D 112 -38.84 -22.42 -2.44
CA SER D 112 -39.92 -21.54 -2.00
C SER D 112 -40.29 -21.74 -0.53
N TYR D 113 -40.41 -22.99 -0.10
CA TYR D 113 -41.08 -23.28 1.17
C TYR D 113 -40.22 -22.87 2.36
N GLN D 114 -38.89 -22.91 2.22
CA GLN D 114 -38.02 -22.48 3.30
C GLN D 114 -38.07 -20.97 3.47
N ILE D 115 -38.17 -20.22 2.36
CA ILE D 115 -38.30 -18.78 2.44
C ILE D 115 -39.65 -18.39 3.04
N TYR D 116 -40.70 -19.13 2.67
CA TYR D 116 -42.02 -18.86 3.26
C TYR D 116 -42.08 -19.24 4.73
N MET D 117 -41.29 -20.22 5.15
CA MET D 117 -41.23 -20.56 6.58
C MET D 117 -40.40 -19.53 7.34
N GLU D 118 -39.43 -18.90 6.66
CA GLU D 118 -38.51 -18.00 7.35
C GLU D 118 -39.17 -16.66 7.70
N ILE D 119 -40.12 -16.20 6.90
CA ILE D 119 -40.70 -14.87 7.11
C ILE D 119 -41.60 -14.86 8.35
N PHE D 120 -42.23 -15.99 8.67
CA PHE D 120 -43.13 -16.06 9.81
C PHE D 120 -42.46 -16.60 11.06
N GLU D 121 -41.13 -16.63 11.11
CA GLU D 121 -40.45 -17.21 12.25
C GLU D 121 -40.32 -16.20 13.39
N THR D 122 -39.61 -15.11 13.16
CA THR D 122 -39.24 -14.16 14.21
C THR D 122 -40.19 -12.98 14.19
N LYS D 123 -41.00 -12.87 15.24
CA LYS D 123 -41.81 -11.67 15.44
C LYS D 123 -40.93 -10.48 15.79
N GLN D 124 -41.45 -9.28 15.56
CA GLN D 124 -40.71 -8.06 15.89
C GLN D 124 -40.68 -7.88 17.40
N SER D 125 -39.49 -7.79 17.97
CA SER D 125 -39.35 -7.60 19.40
C SER D 125 -39.42 -6.13 19.76
N TYR D 126 -39.35 -5.85 21.06
CA TYR D 126 -39.40 -4.47 21.54
C TYR D 126 -38.07 -3.78 21.27
N ASP D 127 -38.07 -2.45 21.49
CA ASP D 127 -36.94 -1.50 21.32
C ASP D 127 -36.18 -1.69 20.01
N GLU D 128 -36.91 -2.00 18.93
CA GLU D 128 -36.35 -2.17 17.61
C GLU D 128 -37.02 -1.18 16.66
N VAL D 129 -36.21 -0.55 15.80
CA VAL D 129 -36.74 0.48 14.90
C VAL D 129 -37.57 -0.18 13.82
N ILE D 130 -38.61 0.52 13.36
CA ILE D 130 -39.52 -0.03 12.36
C ILE D 130 -38.85 -0.10 10.99
N ASP D 131 -37.95 0.85 10.71
CA ASP D 131 -37.38 0.98 9.37
C ASP D 131 -36.44 -0.17 9.04
N SER D 132 -35.55 -0.52 9.98
CA SER D 132 -34.64 -1.65 9.76
C SER D 132 -35.39 -2.97 9.70
N PHE D 133 -36.52 -3.05 10.42
CA PHE D 133 -37.34 -4.25 10.41
C PHE D 133 -37.99 -4.47 9.06
N ILE D 134 -38.65 -3.43 8.53
CA ILE D 134 -39.29 -3.57 7.22
C ILE D 134 -38.24 -3.68 6.11
N CYS D 135 -37.03 -3.15 6.36
CA CYS D 135 -35.94 -3.28 5.41
C CYS D 135 -35.47 -4.74 5.32
N LYS D 136 -35.27 -5.38 6.47
CA LYS D 136 -34.86 -6.78 6.49
C LYS D 136 -35.95 -7.69 5.94
N GLN D 137 -37.21 -7.38 6.22
CA GLN D 137 -38.30 -8.20 5.70
C GLN D 137 -38.44 -8.08 4.19
N ARG D 138 -38.22 -6.88 3.64
CA ARG D 138 -38.27 -6.73 2.18
C ARG D 138 -37.08 -7.43 1.52
N ALA D 139 -35.90 -7.35 2.14
CA ALA D 139 -34.74 -8.03 1.57
C ALA D 139 -34.89 -9.54 1.64
N LEU D 140 -35.62 -10.04 2.65
CA LEU D 140 -35.89 -11.47 2.73
C LEU D 140 -36.94 -11.88 1.71
N LEU D 141 -37.94 -11.03 1.48
CA LEU D 141 -39.09 -11.44 0.66
C LEU D 141 -38.85 -11.14 -0.83
N ALA D 142 -37.76 -10.45 -1.16
CA ALA D 142 -37.47 -10.19 -2.56
C ALA D 142 -36.91 -11.40 -3.30
N LYS D 143 -36.55 -12.47 -2.59
CA LYS D 143 -35.88 -13.60 -3.24
C LYS D 143 -36.84 -14.55 -3.93
N LEU D 144 -38.15 -14.35 -3.81
CA LEU D 144 -39.11 -15.21 -4.46
C LEU D 144 -39.13 -14.98 -5.97
N PRO D 145 -39.74 -15.90 -6.73
CA PRO D 145 -39.94 -15.63 -8.16
C PRO D 145 -40.81 -14.40 -8.41
N GLU D 146 -40.42 -13.62 -9.42
CA GLU D 146 -41.06 -12.34 -9.68
C GLU D 146 -42.43 -12.52 -10.32
N GLY D 147 -43.30 -11.55 -10.09
CA GLY D 147 -44.65 -11.59 -10.62
C GLY D 147 -45.65 -12.33 -9.76
N ARG D 148 -45.20 -12.92 -8.65
CA ARG D 148 -46.13 -13.64 -7.78
C ARG D 148 -46.73 -12.73 -6.72
N HIS D 149 -46.09 -11.59 -6.46
CA HIS D 149 -46.49 -10.74 -5.34
C HIS D 149 -46.34 -9.26 -5.73
N ASP D 150 -47.47 -8.58 -5.83
CA ASP D 150 -47.49 -7.13 -6.02
C ASP D 150 -47.40 -6.43 -4.67
N GLU D 151 -47.69 -5.12 -4.68
CA GLU D 151 -47.48 -4.31 -3.48
C GLU D 151 -48.64 -4.43 -2.51
N GLU D 152 -49.82 -4.86 -3.00
CA GLU D 152 -50.97 -5.02 -2.08
C GLU D 152 -50.74 -6.17 -1.10
N THR D 153 -50.31 -7.33 -1.61
CA THR D 153 -50.07 -8.55 -0.78
C THR D 153 -48.90 -8.32 0.19
N GLU D 154 -47.84 -7.69 -0.32
CA GLU D 154 -46.62 -7.38 0.48
C GLU D 154 -47.02 -6.43 1.60
N LEU D 155 -47.86 -5.44 1.26
CA LEU D 155 -48.35 -4.44 2.24
C LEU D 155 -49.16 -5.18 3.30
N ASP D 156 -49.87 -6.27 3.04
CA ASP D 156 -50.62 -6.85 4.20
C ASP D 156 -49.72 -7.33 5.37
N PHE D 157 -48.60 -8.00 5.06
CA PHE D 157 -47.73 -8.68 6.06
C PHE D 157 -47.06 -7.80 7.13
N ILE D 158 -46.47 -6.66 6.78
CA ILE D 158 -45.74 -5.85 7.81
C ILE D 158 -46.71 -5.37 8.90
N TYR D 159 -47.87 -4.85 8.47
CA TYR D 159 -48.89 -4.36 9.42
C TYR D 159 -49.35 -5.55 10.26
N GLY D 160 -49.58 -6.69 9.59
CA GLY D 160 -50.04 -7.88 10.35
C GLY D 160 -49.06 -8.30 11.44
N LEU D 161 -47.74 -8.22 11.18
CA LEU D 161 -46.73 -8.68 12.18
C LEU D 161 -46.20 -7.61 13.15
N MET D 162 -46.60 -6.33 13.07
CA MET D 162 -46.00 -5.35 14.05
C MET D 162 -46.49 -5.50 15.51
N GLN D 163 -45.64 -5.16 16.51
CA GLN D 163 -46.01 -5.11 17.92
C GLN D 163 -47.33 -4.36 18.11
N PRO D 164 -47.98 -4.53 19.28
CA PRO D 164 -49.15 -3.70 19.58
C PRO D 164 -48.84 -2.24 19.84
N LYS D 165 -47.57 -1.86 19.98
CA LYS D 165 -47.22 -0.45 20.13
C LYS D 165 -47.46 0.31 18.83
N TYR D 166 -47.38 -0.38 17.70
CA TYR D 166 -47.63 0.27 16.42
C TYR D 166 -49.06 0.04 15.94
N ARG D 167 -49.65 -1.11 16.27
CA ARG D 167 -50.92 -1.49 15.66
C ARG D 167 -52.09 -0.71 16.22
N GLU D 168 -51.92 -0.07 17.38
CA GLU D 168 -52.99 0.71 17.96
C GLU D 168 -53.28 1.97 17.17
N SER D 169 -52.22 2.64 16.69
CA SER D 169 -52.40 3.98 16.13
C SER D 169 -52.75 3.93 14.65
N ILE D 170 -52.21 2.98 13.91
CA ILE D 170 -52.44 2.86 12.48
C ILE D 170 -53.27 1.60 12.18
N PRO D 171 -54.41 1.73 11.51
CA PRO D 171 -55.15 0.54 11.09
C PRO D 171 -54.86 0.13 9.66
N ARG D 172 -55.29 -1.07 9.27
CA ARG D 172 -55.28 -1.45 7.87
C ARG D 172 -56.31 -0.63 7.10
N HIS D 173 -56.13 -0.56 5.78
CA HIS D 173 -56.88 0.15 4.73
C HIS D 173 -56.67 1.66 4.78
N GLU D 174 -55.90 2.17 5.75
CA GLU D 174 -55.53 3.58 5.70
C GLU D 174 -54.26 3.78 4.88
N VAL D 175 -53.31 2.86 4.99
CA VAL D 175 -52.04 2.93 4.28
C VAL D 175 -52.14 2.14 2.97
N LYS D 176 -52.39 2.86 1.88
CA LYS D 176 -52.57 2.22 0.57
C LYS D 176 -51.23 1.73 0.02
N THR D 177 -50.29 2.65 -0.20
CA THR D 177 -49.00 2.29 -0.76
C THR D 177 -48.05 1.82 0.34
N PHE D 178 -46.77 1.72 -0.01
CA PHE D 178 -45.80 1.18 0.94
C PHE D 178 -45.04 2.28 1.66
N ARG D 179 -45.02 3.49 1.12
CA ARG D 179 -44.32 4.60 1.78
C ARG D 179 -45.11 5.10 2.98
N GLU D 180 -46.44 4.99 2.93
CA GLU D 180 -47.28 5.60 3.95
C GLU D 180 -47.18 4.87 5.29
N LEU D 181 -46.83 3.58 5.27
CA LEU D 181 -46.61 2.83 6.50
C LEU D 181 -45.43 3.39 7.28
N LEU D 182 -44.31 3.60 6.59
CA LEU D 182 -43.14 4.21 7.23
C LEU D 182 -43.41 5.67 7.60
N ASP D 183 -44.22 6.36 6.78
CA ASP D 183 -44.53 7.77 7.04
C ASP D 183 -45.32 7.94 8.33
N ARG D 184 -46.33 7.09 8.55
CA ARG D 184 -47.09 7.17 9.80
C ARG D 184 -46.37 6.43 10.93
N GLY D 185 -45.37 5.62 10.62
CA GLY D 185 -44.59 4.99 11.67
C GLY D 185 -43.57 5.92 12.28
N ARG D 186 -43.00 6.82 11.47
CA ARG D 186 -41.97 7.71 11.99
C ARG D 186 -42.56 8.76 12.93
N THR D 187 -43.83 9.13 12.73
CA THR D 187 -44.46 10.09 13.63
C THR D 187 -44.73 9.49 15.00
N VAL D 188 -45.13 8.22 15.05
CA VAL D 188 -45.31 7.56 16.34
C VAL D 188 -43.96 7.15 16.93
N GLU D 189 -42.92 7.09 16.09
CA GLU D 189 -41.57 6.90 16.60
C GLU D 189 -41.07 8.17 17.30
N ARG D 190 -41.39 9.33 16.72
CA ARG D 190 -40.95 10.62 17.24
C ARG D 190 -41.53 10.94 18.61
N THR D 191 -42.84 10.79 18.77
CA THR D 191 -43.47 11.05 20.06
C THR D 191 -43.12 9.96 21.07
N ARG D 192 -43.29 8.69 20.67
CA ARG D 192 -43.05 7.49 21.48
C ARG D 192 -43.81 7.47 22.79
N LYS E 29 8.93 -4.01 -23.29
CA LYS E 29 9.54 -5.26 -22.88
C LYS E 29 9.20 -5.58 -21.42
N GLY E 30 9.94 -6.52 -20.85
CA GLY E 30 9.74 -6.94 -19.47
C GLY E 30 9.28 -8.38 -19.36
N SER E 31 10.06 -9.16 -18.60
CA SER E 31 9.81 -10.57 -18.42
C SER E 31 10.32 -10.99 -17.05
N PHE E 32 9.39 -11.49 -16.22
CA PHE E 32 9.66 -12.00 -14.87
C PHE E 32 10.34 -10.97 -13.99
N SER E 33 9.67 -9.85 -13.75
CA SER E 33 10.24 -8.84 -12.88
C SER E 33 10.19 -9.29 -11.42
N ASN E 34 8.99 -9.43 -10.87
CA ASN E 34 8.74 -10.01 -9.56
C ASN E 34 7.25 -10.27 -9.43
N CYS E 35 6.91 -11.11 -8.46
CA CYS E 35 5.52 -11.38 -8.12
C CYS E 35 5.47 -11.90 -6.69
N THR E 36 4.26 -12.20 -6.24
CA THR E 36 4.09 -12.73 -4.89
C THR E 36 4.58 -14.17 -4.79
N VAL E 37 4.37 -14.95 -5.85
CA VAL E 37 4.67 -16.39 -5.83
C VAL E 37 6.18 -16.58 -5.93
N ARG E 38 6.81 -16.92 -4.81
CA ARG E 38 8.23 -17.27 -4.76
C ARG E 38 8.36 -18.64 -4.12
N PHE E 39 9.43 -19.35 -4.48
CA PHE E 39 9.62 -20.74 -4.09
C PHE E 39 10.79 -20.83 -3.13
N SER E 40 10.67 -21.71 -2.13
CA SER E 40 11.64 -21.78 -1.04
C SER E 40 12.11 -23.19 -0.71
N GLY E 41 11.51 -24.21 -1.31
CA GLY E 41 11.92 -25.57 -1.01
C GLY E 41 11.53 -26.05 0.37
N GLN E 42 10.24 -26.25 0.61
CA GLN E 42 9.75 -26.67 1.90
C GLN E 42 9.38 -28.15 1.96
N ARG E 43 9.80 -28.94 0.96
CA ARG E 43 9.73 -30.40 0.91
C ARG E 43 8.31 -30.95 0.98
N ASP E 44 7.28 -30.15 0.72
CA ASP E 44 5.90 -30.61 0.74
C ASP E 44 5.34 -30.55 -0.68
N HIS E 45 4.42 -31.47 -0.99
CA HIS E 45 3.93 -31.61 -2.36
C HIS E 45 3.00 -30.46 -2.73
N ASP E 46 2.24 -29.95 -1.76
CA ASP E 46 1.24 -28.93 -2.04
C ASP E 46 1.88 -27.61 -2.47
N ALA E 47 2.95 -27.20 -1.78
CA ALA E 47 3.58 -25.92 -2.06
C ALA E 47 4.27 -25.93 -3.42
N VAL E 48 4.97 -27.02 -3.74
CA VAL E 48 5.68 -27.11 -5.01
C VAL E 48 4.68 -27.23 -6.16
N ASP E 49 3.54 -27.90 -5.91
CA ASP E 49 2.54 -28.03 -6.97
C ASP E 49 1.84 -26.70 -7.24
N GLU E 50 1.57 -25.94 -6.18
CA GLU E 50 0.99 -24.60 -6.36
C GLU E 50 1.97 -23.66 -7.05
N PHE E 51 3.26 -23.77 -6.74
CA PHE E 51 4.26 -22.90 -7.37
C PHE E 51 4.40 -23.21 -8.86
N ILE E 52 4.48 -24.49 -9.22
CA ILE E 52 4.60 -24.87 -10.63
C ILE E 52 3.34 -24.49 -11.40
N ASN E 53 2.16 -24.63 -10.77
CA ASN E 53 0.91 -24.27 -11.43
C ASN E 53 0.82 -22.76 -11.65
N ALA E 54 1.22 -21.97 -10.65
CA ALA E 54 1.13 -20.52 -10.79
C ALA E 54 2.10 -19.99 -11.82
N VAL E 55 3.32 -20.53 -11.86
CA VAL E 55 4.30 -20.11 -12.85
C VAL E 55 3.86 -20.53 -14.26
N GLU E 56 3.26 -21.72 -14.38
CA GLU E 56 2.83 -22.21 -15.69
C GLU E 56 1.65 -21.43 -16.23
N THR E 57 0.75 -20.95 -15.36
CA THR E 57 -0.32 -20.09 -15.85
C THR E 57 0.17 -18.68 -16.15
N TYR E 58 1.14 -18.18 -15.38
CA TYR E 58 1.69 -16.84 -15.64
C TYR E 58 2.44 -16.80 -16.96
N LYS E 59 3.07 -17.92 -17.34
CA LYS E 59 3.81 -17.99 -18.60
C LYS E 59 2.87 -17.87 -19.80
N GLU E 60 1.68 -18.47 -19.70
CA GLU E 60 0.74 -18.41 -20.81
C GLU E 60 -0.04 -17.09 -20.81
N VAL E 61 -0.24 -16.50 -19.63
CA VAL E 61 -1.01 -15.26 -19.56
C VAL E 61 -0.18 -14.09 -20.05
N GLU E 62 1.04 -13.93 -19.52
CA GLU E 62 1.82 -12.73 -19.82
C GLU E 62 2.40 -12.77 -21.23
N GLY E 63 2.55 -13.97 -21.79
CA GLY E 63 3.10 -14.09 -23.12
C GLY E 63 4.61 -14.18 -23.18
N ILE E 64 5.25 -14.69 -22.14
CA ILE E 64 6.70 -14.82 -22.14
C ILE E 64 7.09 -15.96 -23.06
N SER E 65 8.05 -15.70 -23.94
CA SER E 65 8.47 -16.71 -24.91
C SER E 65 9.28 -17.81 -24.25
N ASP E 66 9.49 -18.89 -25.00
CA ASP E 66 10.07 -20.10 -24.42
C ASP E 66 11.56 -19.93 -24.16
N LYS E 67 12.29 -19.36 -25.12
CA LYS E 67 13.74 -19.29 -25.02
C LYS E 67 14.18 -18.18 -24.06
N ASP E 68 13.31 -17.21 -23.81
CA ASP E 68 13.69 -16.06 -23.00
C ASP E 68 13.38 -16.29 -21.52
N ALA E 69 12.71 -17.39 -21.19
CA ALA E 69 12.30 -17.60 -19.81
C ALA E 69 13.40 -18.23 -18.99
N LEU E 70 14.37 -18.89 -19.63
CA LEU E 70 15.44 -19.55 -18.90
C LEU E 70 16.42 -18.55 -18.31
N LYS E 71 16.56 -17.39 -18.95
CA LYS E 71 17.49 -16.38 -18.45
C LYS E 71 16.98 -15.71 -17.19
N GLY E 72 15.66 -15.50 -17.11
CA GLY E 72 15.09 -14.80 -15.98
C GLY E 72 14.59 -15.71 -14.87
N LEU E 73 15.13 -16.92 -14.83
CA LEU E 73 14.68 -17.88 -13.82
C LEU E 73 15.22 -17.64 -12.40
N PRO E 74 16.50 -17.31 -12.14
CA PRO E 74 16.91 -17.16 -10.72
C PRO E 74 16.46 -15.87 -10.05
N LEU E 75 15.56 -15.09 -10.65
CA LEU E 75 14.97 -13.97 -9.94
C LEU E 75 13.90 -14.44 -8.96
N LEU E 76 13.43 -15.67 -9.12
CA LEU E 76 12.41 -16.20 -8.22
C LEU E 76 13.04 -16.87 -7.01
N PHE E 77 14.14 -17.59 -7.19
CA PHE E 77 14.77 -18.32 -6.11
C PHE E 77 15.50 -17.35 -5.19
N LYS E 78 14.90 -17.01 -4.04
CA LYS E 78 15.55 -16.25 -2.99
C LYS E 78 15.37 -17.01 -1.69
N SER E 79 16.21 -18.03 -1.49
CA SER E 79 16.07 -19.03 -0.42
C SER E 79 17.33 -19.87 -0.34
N ILE E 80 17.23 -21.03 0.30
CA ILE E 80 18.26 -22.06 0.19
C ILE E 80 18.42 -22.55 -1.26
N ALA E 81 17.38 -22.40 -2.08
CA ALA E 81 17.38 -22.99 -3.42
C ALA E 81 18.28 -22.23 -4.40
N VAL E 82 18.68 -21.00 -4.08
CA VAL E 82 19.58 -20.28 -4.99
C VAL E 82 21.00 -20.85 -4.88
N VAL E 83 21.30 -21.47 -3.74
CA VAL E 83 22.52 -22.27 -3.63
C VAL E 83 22.39 -23.53 -4.48
N TRP E 84 21.16 -24.07 -4.56
CA TRP E 84 20.93 -25.30 -5.32
C TRP E 84 21.01 -25.06 -6.82
N TRP E 85 20.63 -23.87 -7.29
CA TRP E 85 20.65 -23.62 -8.73
C TRP E 85 22.06 -23.42 -9.25
N LYS E 86 23.00 -23.05 -8.37
CA LYS E 86 24.38 -22.90 -8.81
C LYS E 86 25.04 -24.27 -9.05
N GLY E 87 24.47 -25.33 -8.47
CA GLY E 87 25.09 -26.63 -8.59
C GLY E 87 24.72 -27.37 -9.86
N VAL E 88 23.44 -27.32 -10.24
CA VAL E 88 22.92 -28.18 -11.30
C VAL E 88 22.35 -27.36 -12.45
N ARG E 89 22.96 -26.21 -12.74
CA ARG E 89 22.48 -25.35 -13.80
C ARG E 89 22.74 -25.95 -15.18
N ARG E 90 23.89 -26.62 -15.34
CA ARG E 90 24.30 -27.08 -16.67
C ARG E 90 23.53 -28.31 -17.14
N ASP E 91 22.69 -28.90 -16.30
CA ASP E 91 21.93 -30.08 -16.72
C ASP E 91 20.73 -29.68 -17.58
N ALA E 92 20.31 -28.42 -17.49
CA ALA E 92 19.12 -27.95 -18.21
C ALA E 92 19.53 -27.10 -19.39
N LYS E 93 18.93 -27.37 -20.54
CA LYS E 93 19.11 -26.56 -21.75
C LYS E 93 17.80 -26.08 -22.33
N THR E 94 16.67 -26.60 -21.86
CA THR E 94 15.36 -26.14 -22.29
C THR E 94 14.49 -25.88 -21.06
N TRP E 95 13.35 -25.24 -21.29
CA TRP E 95 12.47 -24.87 -20.19
C TRP E 95 11.75 -26.10 -19.62
N SER E 96 11.44 -27.06 -20.49
CA SER E 96 10.71 -28.25 -20.05
C SER E 96 11.59 -29.15 -19.19
N ASP E 97 12.84 -29.32 -19.58
CA ASP E 97 13.76 -30.13 -18.79
C ASP E 97 14.10 -29.45 -17.47
N ALA E 98 14.13 -28.12 -17.46
CA ALA E 98 14.36 -27.38 -16.22
C ALA E 98 13.18 -27.51 -15.26
N LEU E 99 11.96 -27.46 -15.81
CA LEU E 99 10.77 -27.65 -14.98
C LEU E 99 10.70 -29.08 -14.44
N GLN E 100 11.08 -30.06 -15.26
CA GLN E 100 11.09 -31.44 -14.81
C GLN E 100 12.17 -31.67 -13.76
N LEU E 101 13.30 -30.97 -13.87
CA LEU E 101 14.35 -31.09 -12.86
C LEU E 101 13.92 -30.47 -11.54
N LEU E 102 13.26 -29.30 -11.62
CA LEU E 102 12.75 -28.65 -10.41
C LEU E 102 11.66 -29.48 -9.74
N ARG E 103 10.88 -30.20 -10.54
CA ARG E 103 9.92 -31.14 -9.95
C ARG E 103 10.63 -32.34 -9.33
N ASP E 104 11.64 -32.88 -10.01
CA ASP E 104 12.22 -34.17 -9.65
C ASP E 104 13.07 -34.07 -8.39
N HIS E 105 13.81 -32.96 -8.23
CA HIS E 105 14.74 -32.87 -7.12
C HIS E 105 14.03 -32.62 -5.79
N PHE E 106 12.80 -32.12 -5.83
CA PHE E 106 12.09 -31.76 -4.61
C PHE E 106 10.80 -32.53 -4.37
N SER E 107 10.12 -32.99 -5.41
CA SER E 107 8.82 -33.65 -5.27
C SER E 107 8.84 -35.01 -5.94
N PRO E 108 8.50 -36.09 -5.25
CA PRO E 108 8.70 -37.43 -5.83
C PRO E 108 7.68 -37.88 -6.87
N THR E 109 6.80 -36.97 -7.34
CA THR E 109 5.81 -37.15 -8.43
C THR E 109 5.05 -38.48 -8.31
N LYS E 110 4.19 -38.52 -7.27
CA LYS E 110 3.54 -39.74 -6.79
C LYS E 110 2.77 -40.45 -7.91
N PRO E 111 2.89 -41.77 -8.02
CA PRO E 111 2.23 -42.49 -9.11
C PRO E 111 0.79 -42.80 -8.76
N SER E 112 0.17 -43.59 -9.65
CA SER E 112 -1.27 -43.84 -9.56
C SER E 112 -1.62 -44.79 -8.42
N TYR E 113 -0.71 -45.71 -8.09
CA TYR E 113 -1.06 -46.76 -7.15
C TYR E 113 -1.15 -46.22 -5.72
N GLN E 114 -0.31 -45.24 -5.38
CA GLN E 114 -0.41 -44.62 -4.07
C GLN E 114 -1.68 -43.77 -3.97
N ILE E 115 -2.12 -43.19 -5.10
CA ILE E 115 -3.35 -42.41 -5.11
C ILE E 115 -4.55 -43.32 -4.88
N TYR E 116 -4.56 -44.49 -5.54
CA TYR E 116 -5.68 -45.41 -5.38
C TYR E 116 -5.66 -46.09 -4.02
N MET E 117 -4.48 -46.28 -3.42
CA MET E 117 -4.43 -46.83 -2.07
C MET E 117 -4.55 -45.72 -1.02
N GLU E 118 -4.68 -44.47 -1.46
CA GLU E 118 -4.84 -43.38 -0.51
C GLU E 118 -6.25 -42.79 -0.56
N ILE E 119 -6.98 -43.09 -1.63
CA ILE E 119 -8.37 -42.53 -1.77
C ILE E 119 -9.33 -43.21 -0.78
N PHE E 120 -9.28 -44.53 -0.70
CA PHE E 120 -10.16 -45.30 0.22
C PHE E 120 -9.57 -45.26 1.63
N GLU E 121 -8.34 -44.75 1.76
CA GLU E 121 -7.60 -44.67 3.05
C GLU E 121 -8.51 -44.15 4.16
N THR E 122 -9.18 -43.01 3.94
CA THR E 122 -10.05 -42.42 5.00
C THR E 122 -11.52 -42.43 4.56
N LYS E 123 -12.42 -42.44 5.55
CA LYS E 123 -13.85 -42.43 5.33
C LYS E 123 -14.43 -41.04 5.62
N GLN E 124 -15.75 -40.98 5.69
CA GLN E 124 -16.43 -39.76 6.11
C GLN E 124 -16.78 -39.84 7.58
N SER E 125 -16.57 -38.74 8.29
CA SER E 125 -16.90 -38.70 9.71
C SER E 125 -18.23 -38.00 9.94
N TYR E 126 -18.64 -37.94 11.20
CA TYR E 126 -19.86 -37.26 11.57
C TYR E 126 -19.69 -35.74 11.44
N ASP E 127 -20.83 -35.04 11.46
CA ASP E 127 -20.99 -33.57 11.44
C ASP E 127 -20.06 -32.87 10.44
N GLU E 128 -20.00 -33.40 9.23
CA GLU E 128 -19.15 -32.85 8.17
C GLU E 128 -20.01 -32.45 6.98
N VAL E 129 -19.74 -31.27 6.43
CA VAL E 129 -20.50 -30.77 5.29
C VAL E 129 -20.12 -31.58 4.05
N ILE E 130 -21.13 -31.94 3.24
CA ILE E 130 -20.93 -32.85 2.11
C ILE E 130 -20.10 -32.18 1.01
N ASP E 131 -20.16 -30.84 0.92
CA ASP E 131 -19.47 -30.13 -0.15
C ASP E 131 -17.95 -30.19 0.02
N SER E 132 -17.47 -30.09 1.26
CA SER E 132 -16.04 -30.20 1.53
C SER E 132 -15.52 -31.60 1.20
N PHE E 133 -16.32 -32.63 1.48
CA PHE E 133 -15.94 -34.00 1.18
C PHE E 133 -15.87 -34.24 -0.32
N ILE E 134 -16.86 -33.76 -1.07
CA ILE E 134 -16.86 -33.95 -2.53
C ILE E 134 -15.73 -33.15 -3.17
N CYS E 135 -15.43 -31.96 -2.62
CA CYS E 135 -14.34 -31.15 -3.16
C CYS E 135 -12.98 -31.82 -2.90
N LYS E 136 -12.79 -32.38 -1.70
CA LYS E 136 -11.55 -33.10 -1.40
C LYS E 136 -11.39 -34.33 -2.29
N GLN E 137 -12.48 -35.08 -2.51
CA GLN E 137 -12.39 -36.29 -3.32
C GLN E 137 -12.09 -35.98 -4.79
N ARG E 138 -12.75 -34.96 -5.35
CA ARG E 138 -12.49 -34.63 -6.75
C ARG E 138 -11.12 -33.99 -6.92
N ALA E 139 -10.65 -33.23 -5.94
CA ALA E 139 -9.32 -32.65 -6.02
C ALA E 139 -8.24 -33.72 -5.88
N LEU E 140 -8.54 -34.78 -5.14
CA LEU E 140 -7.57 -35.85 -5.01
C LEU E 140 -7.65 -36.81 -6.18
N LEU E 141 -8.75 -36.77 -6.94
CA LEU E 141 -8.90 -37.69 -8.06
C LEU E 141 -8.46 -37.05 -9.38
N ALA E 142 -8.42 -35.72 -9.45
CA ALA E 142 -8.14 -35.07 -10.73
C ALA E 142 -6.67 -35.19 -11.16
N LYS E 143 -5.80 -35.71 -10.29
CA LYS E 143 -4.40 -35.89 -10.64
C LYS E 143 -4.15 -37.15 -11.46
N LEU E 144 -5.18 -37.96 -11.69
CA LEU E 144 -5.06 -39.16 -12.51
C LEU E 144 -4.89 -38.77 -13.98
N PRO E 145 -4.40 -39.66 -14.84
CA PRO E 145 -4.31 -39.34 -16.27
C PRO E 145 -5.69 -39.20 -16.90
N GLU E 146 -5.84 -38.15 -17.71
CA GLU E 146 -7.13 -37.78 -18.26
C GLU E 146 -7.51 -38.70 -19.41
N GLY E 147 -8.77 -39.16 -19.41
CA GLY E 147 -9.28 -40.01 -20.45
C GLY E 147 -9.47 -41.46 -20.08
N ARG E 148 -9.15 -41.85 -18.84
CA ARG E 148 -9.23 -43.25 -18.48
C ARG E 148 -10.47 -43.54 -17.64
N HIS E 149 -11.07 -42.51 -17.05
CA HIS E 149 -12.23 -42.67 -16.18
C HIS E 149 -13.32 -41.68 -16.58
N ASP E 150 -14.44 -42.20 -17.07
CA ASP E 150 -15.60 -41.38 -17.40
C ASP E 150 -16.44 -41.12 -16.15
N GLU E 151 -17.64 -40.61 -16.38
CA GLU E 151 -18.43 -40.05 -15.28
C GLU E 151 -19.13 -41.13 -14.46
N GLU E 152 -19.55 -42.22 -15.11
CA GLU E 152 -20.29 -43.26 -14.34
C GLU E 152 -19.40 -43.90 -13.26
N THR E 153 -18.17 -44.26 -13.64
CA THR E 153 -17.24 -44.95 -12.70
C THR E 153 -16.86 -44.07 -11.52
N GLU E 154 -16.55 -42.78 -11.72
CA GLU E 154 -16.11 -41.93 -10.58
C GLU E 154 -17.23 -41.88 -9.53
N LEU E 155 -18.49 -41.83 -9.94
CA LEU E 155 -19.61 -41.64 -8.96
C LEU E 155 -19.71 -42.76 -7.91
N ASP E 156 -19.50 -44.01 -8.31
CA ASP E 156 -19.70 -45.18 -7.41
C ASP E 156 -18.80 -45.11 -6.16
N PHE E 157 -17.53 -44.73 -6.31
CA PHE E 157 -16.62 -44.70 -5.14
C PHE E 157 -17.12 -43.70 -4.08
N ILE E 158 -17.53 -42.51 -4.51
CA ILE E 158 -18.02 -41.47 -3.55
C ILE E 158 -19.31 -41.99 -2.89
N TYR E 159 -20.18 -42.61 -3.69
CA TYR E 159 -21.45 -43.11 -3.10
C TYR E 159 -21.13 -44.14 -2.01
N GLY E 160 -20.20 -45.05 -2.29
CA GLY E 160 -19.82 -46.09 -1.31
C GLY E 160 -19.20 -45.51 -0.05
N LEU E 161 -18.35 -44.49 -0.21
CA LEU E 161 -17.64 -43.82 0.91
C LEU E 161 -18.57 -42.95 1.77
N MET E 162 -19.76 -42.59 1.28
CA MET E 162 -20.65 -41.69 2.08
C MET E 162 -21.12 -42.28 3.43
N GLN E 163 -21.25 -41.40 4.44
CA GLN E 163 -21.75 -41.57 5.79
C GLN E 163 -23.19 -42.11 5.74
N PRO E 164 -23.51 -43.08 6.59
CA PRO E 164 -24.90 -43.60 6.60
C PRO E 164 -25.96 -42.65 7.12
N LYS E 165 -25.62 -41.40 7.44
CA LYS E 165 -26.64 -40.36 7.55
C LYS E 165 -27.16 -39.97 6.17
N TYR E 166 -26.37 -40.25 5.13
CA TYR E 166 -26.75 -39.82 3.78
C TYR E 166 -27.20 -41.01 2.94
N ARG E 167 -26.72 -42.22 3.27
CA ARG E 167 -26.93 -43.36 2.38
C ARG E 167 -28.27 -44.04 2.63
N GLU E 168 -28.95 -43.69 3.72
CA GLU E 168 -30.23 -44.33 4.03
C GLU E 168 -31.33 -43.83 3.11
N SER E 169 -31.33 -42.54 2.80
CA SER E 169 -32.40 -41.94 2.02
C SER E 169 -32.01 -41.66 0.57
N ILE E 170 -30.73 -41.76 0.22
CA ILE E 170 -30.25 -41.50 -1.13
C ILE E 170 -29.60 -42.77 -1.66
N PRO E 171 -30.33 -43.65 -2.33
CA PRO E 171 -29.70 -44.89 -2.83
C PRO E 171 -29.05 -44.70 -4.19
N ARG E 172 -28.26 -45.68 -4.60
CA ARG E 172 -27.68 -45.69 -5.94
C ARG E 172 -28.77 -45.93 -6.98
N HIS E 173 -28.48 -45.57 -8.23
CA HIS E 173 -29.29 -45.61 -9.45
C HIS E 173 -30.47 -44.63 -9.43
N GLU E 174 -30.56 -43.74 -8.44
CA GLU E 174 -31.48 -42.61 -8.56
C GLU E 174 -30.77 -41.38 -9.11
N VAL E 175 -29.45 -41.30 -8.93
CA VAL E 175 -28.66 -40.17 -9.42
C VAL E 175 -27.90 -40.61 -10.66
N LYS E 176 -27.84 -39.73 -11.66
CA LYS E 176 -27.05 -39.96 -12.86
C LYS E 176 -25.98 -38.90 -13.05
N THR E 177 -26.36 -37.63 -13.02
CA THR E 177 -25.42 -36.54 -13.14
C THR E 177 -24.75 -36.30 -11.79
N PHE E 178 -23.56 -35.70 -11.82
CA PHE E 178 -22.80 -35.49 -10.59
C PHE E 178 -23.41 -34.39 -9.73
N ARG E 179 -24.20 -33.50 -10.33
CA ARG E 179 -24.86 -32.45 -9.56
C ARG E 179 -25.99 -32.98 -8.69
N GLU E 180 -26.55 -34.14 -9.06
CA GLU E 180 -27.72 -34.66 -8.35
C GLU E 180 -27.37 -35.12 -6.94
N LEU E 181 -26.11 -35.53 -6.73
CA LEU E 181 -25.68 -35.96 -5.39
C LEU E 181 -25.67 -34.77 -4.43
N LEU E 182 -25.12 -33.64 -4.85
CA LEU E 182 -25.14 -32.44 -3.99
C LEU E 182 -26.55 -31.90 -3.84
N ASP E 183 -27.34 -31.96 -4.92
CA ASP E 183 -28.67 -31.36 -4.88
C ASP E 183 -29.62 -32.19 -4.02
N ARG E 184 -29.36 -33.49 -3.90
CA ARG E 184 -30.17 -34.30 -3.00
C ARG E 184 -29.54 -34.42 -1.62
N GLY E 185 -28.27 -34.03 -1.48
CA GLY E 185 -27.66 -34.05 -0.17
C GLY E 185 -27.97 -32.82 0.65
N ARG E 186 -28.19 -31.68 -0.03
CA ARG E 186 -28.46 -30.44 0.69
C ARG E 186 -29.81 -30.48 1.40
N THR E 187 -30.78 -31.22 0.84
CA THR E 187 -32.09 -31.34 1.48
C THR E 187 -32.01 -32.17 2.76
N VAL E 188 -31.23 -33.27 2.72
CA VAL E 188 -31.06 -34.09 3.91
C VAL E 188 -30.20 -33.36 4.94
N GLU E 189 -29.32 -32.48 4.48
CA GLU E 189 -28.56 -31.65 5.41
C GLU E 189 -29.44 -30.62 6.10
N ARG E 190 -30.36 -30.02 5.35
CA ARG E 190 -31.28 -29.02 5.91
C ARG E 190 -32.32 -29.64 6.83
N THR E 191 -32.81 -30.84 6.51
CA THR E 191 -33.86 -31.52 7.27
C THR E 191 -33.42 -31.84 8.70
N ARG E 192 -32.14 -32.18 8.91
CA ARG E 192 -31.52 -32.40 10.22
C ARG E 192 -32.20 -33.49 11.03
N LYS F 29 -13.15 9.04 -20.36
CA LYS F 29 -12.40 7.93 -19.80
C LYS F 29 -12.97 7.52 -18.45
N GLY F 30 -12.84 6.24 -18.11
CA GLY F 30 -13.33 5.72 -16.85
C GLY F 30 -14.78 5.31 -16.90
N SER F 31 -15.09 4.23 -16.17
CA SER F 31 -16.44 3.70 -16.11
C SER F 31 -16.76 3.35 -14.64
N PHE F 32 -16.47 4.32 -13.75
CA PHE F 32 -16.82 4.27 -12.33
C PHE F 32 -16.20 3.07 -11.63
N SER F 33 -14.86 3.01 -11.63
CA SER F 33 -14.18 1.86 -11.05
C SER F 33 -14.22 1.90 -9.53
N ASN F 34 -13.59 2.92 -8.92
CA ASN F 34 -13.54 3.05 -7.48
C ASN F 34 -13.16 4.48 -7.14
N CYS F 35 -13.77 5.01 -6.07
CA CYS F 35 -13.52 6.37 -5.66
C CYS F 35 -13.42 6.43 -4.14
N THR F 36 -13.35 7.65 -3.62
CA THR F 36 -13.09 7.83 -2.20
C THR F 36 -14.36 7.71 -1.37
N VAL F 37 -15.46 8.33 -1.82
CA VAL F 37 -16.63 8.49 -0.97
C VAL F 37 -17.43 7.20 -0.91
N ARG F 38 -18.13 7.01 0.21
CA ARG F 38 -18.87 5.78 0.49
C ARG F 38 -20.05 6.14 1.38
N PHE F 39 -21.04 5.26 1.44
CA PHE F 39 -22.28 5.52 2.15
C PHE F 39 -22.45 4.48 3.25
N SER F 40 -23.21 4.84 4.29
CA SER F 40 -23.40 3.99 5.45
C SER F 40 -24.86 3.85 5.86
N GLY F 41 -25.71 4.82 5.55
CA GLY F 41 -27.08 4.82 6.04
C GLY F 41 -27.18 5.28 7.47
N GLN F 42 -26.78 6.53 7.72
CA GLN F 42 -26.74 7.04 9.08
C GLN F 42 -28.01 7.78 9.48
N ARG F 43 -28.87 8.10 8.51
CA ARG F 43 -30.12 8.86 8.71
C ARG F 43 -29.85 10.21 9.36
N ASP F 44 -28.98 10.99 8.73
CA ASP F 44 -28.83 12.42 8.99
C ASP F 44 -28.88 13.12 7.65
N HIS F 45 -29.15 14.43 7.67
CA HIS F 45 -29.32 15.14 6.40
C HIS F 45 -27.98 15.44 5.74
N ASP F 46 -26.96 15.71 6.56
CA ASP F 46 -25.70 16.25 6.06
C ASP F 46 -24.91 15.20 5.27
N ALA F 47 -24.79 13.99 5.82
CA ALA F 47 -24.02 12.94 5.16
C ALA F 47 -24.71 12.47 3.87
N VAL F 48 -26.03 12.38 3.90
CA VAL F 48 -26.79 11.96 2.73
C VAL F 48 -26.71 13.01 1.64
N ASP F 49 -26.73 14.30 2.01
CA ASP F 49 -26.62 15.34 1.00
C ASP F 49 -25.21 15.43 0.42
N GLU F 50 -24.19 15.22 1.27
CA GLU F 50 -22.81 15.25 0.82
C GLU F 50 -22.51 14.09 -0.13
N PHE F 51 -23.09 12.91 0.13
CA PHE F 51 -22.89 11.75 -0.73
C PHE F 51 -23.45 11.99 -2.13
N ILE F 52 -24.68 12.51 -2.21
CA ILE F 52 -25.30 12.78 -3.50
C ILE F 52 -24.56 13.89 -4.24
N ASN F 53 -24.07 14.89 -3.51
CA ASN F 53 -23.30 15.97 -4.12
C ASN F 53 -22.00 15.46 -4.72
N ALA F 54 -21.28 14.59 -3.99
CA ALA F 54 -20.02 14.06 -4.48
C ALA F 54 -20.21 13.16 -5.69
N VAL F 55 -21.25 12.31 -5.66
CA VAL F 55 -21.49 11.40 -6.78
C VAL F 55 -21.94 12.17 -8.03
N GLU F 56 -22.81 13.17 -7.84
CA GLU F 56 -23.33 13.91 -8.98
C GLU F 56 -22.27 14.86 -9.55
N THR F 57 -21.28 15.24 -8.74
CA THR F 57 -20.18 16.02 -9.29
C THR F 57 -19.20 15.13 -10.04
N TYR F 58 -18.90 13.94 -9.49
CA TYR F 58 -17.95 13.03 -10.13
C TYR F 58 -18.47 12.50 -11.45
N LYS F 59 -19.79 12.28 -11.55
CA LYS F 59 -20.39 11.81 -12.80
C LYS F 59 -20.29 12.85 -13.90
N GLU F 60 -20.40 14.13 -13.54
CA GLU F 60 -20.32 15.18 -14.54
C GLU F 60 -18.87 15.47 -14.92
N VAL F 61 -17.93 15.28 -13.99
CA VAL F 61 -16.53 15.55 -14.29
C VAL F 61 -15.95 14.46 -15.17
N GLU F 62 -16.09 13.19 -14.76
CA GLU F 62 -15.36 12.12 -15.44
C GLU F 62 -15.93 11.75 -16.80
N GLY F 63 -17.17 12.13 -17.09
CA GLY F 63 -17.75 11.85 -18.39
C GLY F 63 -18.28 10.44 -18.52
N ILE F 64 -19.06 10.02 -17.53
CA ILE F 64 -19.65 8.69 -17.49
C ILE F 64 -21.06 8.76 -18.05
N SER F 65 -21.39 7.83 -18.95
CA SER F 65 -22.69 7.83 -19.62
C SER F 65 -23.81 7.54 -18.63
N ASP F 66 -25.04 7.92 -19.02
CA ASP F 66 -26.18 7.89 -18.11
C ASP F 66 -26.62 6.45 -17.83
N LYS F 67 -26.59 5.60 -18.85
CA LYS F 67 -26.98 4.21 -18.67
C LYS F 67 -25.91 3.43 -17.91
N ASP F 68 -24.65 3.73 -18.18
CA ASP F 68 -23.55 2.93 -17.63
C ASP F 68 -23.30 3.22 -16.16
N ALA F 69 -23.85 4.32 -15.64
CA ALA F 69 -23.61 4.68 -14.25
C ALA F 69 -24.39 3.79 -13.29
N LEU F 70 -25.54 3.27 -13.74
CA LEU F 70 -26.38 2.48 -12.84
C LEU F 70 -25.82 1.09 -12.61
N LYS F 71 -25.07 0.54 -13.58
CA LYS F 71 -24.58 -0.82 -13.46
C LYS F 71 -23.43 -0.91 -12.45
N GLY F 72 -22.76 0.20 -12.18
CA GLY F 72 -21.71 0.26 -11.19
C GLY F 72 -22.13 0.81 -9.85
N LEU F 73 -23.43 0.94 -9.61
CA LEU F 73 -23.90 1.56 -8.37
C LEU F 73 -23.79 0.69 -7.11
N PRO F 74 -24.04 -0.64 -7.09
CA PRO F 74 -23.88 -1.37 -5.81
C PRO F 74 -22.44 -1.58 -5.37
N LEU F 75 -21.45 -1.03 -6.06
CA LEU F 75 -20.07 -1.10 -5.57
C LEU F 75 -19.83 -0.11 -4.45
N LEU F 76 -20.72 0.88 -4.29
CA LEU F 76 -20.50 1.92 -3.28
C LEU F 76 -21.12 1.55 -1.94
N PHE F 77 -22.18 0.74 -1.95
CA PHE F 77 -22.87 0.40 -0.72
C PHE F 77 -22.08 -0.65 0.06
N LYS F 78 -22.08 -0.55 1.39
CA LYS F 78 -21.21 -1.37 2.22
C LYS F 78 -21.87 -1.95 3.47
N SER F 79 -23.12 -1.58 3.75
CA SER F 79 -23.66 -1.67 5.10
C SER F 79 -25.09 -2.20 5.08
N ILE F 80 -25.85 -1.83 6.12
CA ILE F 80 -27.32 -1.97 6.14
C ILE F 80 -27.99 -1.47 4.86
N ALA F 81 -27.39 -0.47 4.18
CA ALA F 81 -27.97 0.05 2.94
C ALA F 81 -27.84 -0.93 1.77
N VAL F 82 -27.00 -1.97 1.89
CA VAL F 82 -26.99 -3.02 0.86
C VAL F 82 -28.26 -3.84 0.95
N VAL F 83 -28.71 -4.13 2.19
CA VAL F 83 -30.00 -4.76 2.43
C VAL F 83 -31.12 -3.87 1.90
N TRP F 84 -30.94 -2.56 1.98
CA TRP F 84 -31.91 -1.62 1.42
C TRP F 84 -31.94 -1.68 -0.10
N TRP F 85 -30.76 -1.73 -0.74
CA TRP F 85 -30.71 -1.69 -2.20
C TRP F 85 -31.13 -3.03 -2.79
N LYS F 86 -31.04 -4.12 -2.02
CA LYS F 86 -31.45 -5.42 -2.53
C LYS F 86 -32.96 -5.52 -2.61
N GLY F 87 -33.69 -4.68 -1.87
CA GLY F 87 -35.14 -4.77 -1.87
C GLY F 87 -35.80 -3.99 -2.98
N VAL F 88 -35.19 -2.89 -3.38
CA VAL F 88 -35.81 -1.97 -4.34
C VAL F 88 -35.03 -1.90 -5.65
N ARG F 89 -34.36 -3.00 -6.04
CA ARG F 89 -33.61 -3.01 -7.29
C ARG F 89 -34.55 -2.98 -8.49
N ARG F 90 -35.74 -3.58 -8.36
CA ARG F 90 -36.68 -3.64 -9.47
C ARG F 90 -37.49 -2.36 -9.62
N ASP F 91 -37.24 -1.35 -8.80
CA ASP F 91 -38.11 -0.17 -8.79
C ASP F 91 -37.62 0.88 -9.78
N ALA F 92 -36.31 1.09 -9.86
CA ALA F 92 -35.73 2.19 -10.63
C ALA F 92 -35.01 1.65 -11.85
N LYS F 93 -35.18 2.34 -12.98
CA LYS F 93 -34.46 2.04 -14.20
C LYS F 93 -33.63 3.22 -14.70
N THR F 94 -34.10 4.44 -14.43
CA THR F 94 -33.38 5.64 -14.85
C THR F 94 -32.59 6.19 -13.66
N TRP F 95 -31.48 6.88 -13.96
CA TRP F 95 -30.56 7.36 -12.93
C TRP F 95 -31.22 8.44 -12.06
N SER F 96 -32.09 9.26 -12.65
CA SER F 96 -32.78 10.30 -11.88
C SER F 96 -33.77 9.70 -10.90
N ASP F 97 -34.48 8.65 -11.34
CA ASP F 97 -35.43 7.99 -10.45
C ASP F 97 -34.73 7.25 -9.33
N ALA F 98 -33.55 6.69 -9.61
CA ALA F 98 -32.77 6.02 -8.57
C ALA F 98 -32.20 7.03 -7.59
N LEU F 99 -31.86 8.23 -8.08
CA LEU F 99 -31.38 9.29 -7.20
C LEU F 99 -32.49 9.79 -6.28
N GLN F 100 -33.70 9.96 -6.82
CA GLN F 100 -34.83 10.36 -5.99
C GLN F 100 -35.22 9.26 -5.02
N LEU F 101 -35.05 7.99 -5.42
CA LEU F 101 -35.34 6.88 -4.51
C LEU F 101 -34.31 6.79 -3.40
N LEU F 102 -33.07 7.22 -3.68
CA LEU F 102 -32.06 7.29 -2.62
C LEU F 102 -32.32 8.46 -1.69
N ARG F 103 -32.90 9.55 -2.22
CA ARG F 103 -33.18 10.71 -1.38
C ARG F 103 -34.41 10.48 -0.51
N ASP F 104 -35.37 9.69 -0.98
CA ASP F 104 -36.70 9.65 -0.37
C ASP F 104 -36.69 8.88 0.96
N HIS F 105 -35.85 7.85 1.07
CA HIS F 105 -35.93 6.97 2.23
C HIS F 105 -35.06 7.47 3.38
N PHE F 106 -33.98 8.20 3.08
CA PHE F 106 -33.02 8.53 4.12
C PHE F 106 -33.21 9.96 4.63
N SER F 107 -33.22 10.95 3.74
CA SER F 107 -33.50 12.33 4.11
C SER F 107 -34.92 12.66 3.71
N PRO F 108 -35.90 12.57 4.61
CA PRO F 108 -37.30 12.47 4.20
C PRO F 108 -38.07 13.77 4.04
N THR F 109 -37.39 14.92 4.05
CA THR F 109 -38.00 16.26 3.98
C THR F 109 -39.05 16.44 5.08
N LYS F 110 -38.55 16.50 6.32
CA LYS F 110 -39.36 16.62 7.53
C LYS F 110 -40.21 17.90 7.48
N PRO F 111 -41.39 17.90 8.12
CA PRO F 111 -42.31 19.04 7.97
C PRO F 111 -41.82 20.31 8.65
N SER F 112 -42.67 21.34 8.55
CA SER F 112 -42.23 22.69 8.89
C SER F 112 -42.13 22.91 10.39
N TYR F 113 -43.00 22.27 11.17
CA TYR F 113 -43.08 22.57 12.60
C TYR F 113 -41.89 22.01 13.36
N GLN F 114 -41.30 20.92 12.85
CA GLN F 114 -40.05 20.40 13.43
C GLN F 114 -38.91 21.38 13.25
N ILE F 115 -38.80 21.99 12.07
CA ILE F 115 -37.74 22.96 11.79
C ILE F 115 -37.95 24.22 12.63
N TYR F 116 -39.20 24.67 12.73
CA TYR F 116 -39.48 25.90 13.49
C TYR F 116 -39.28 25.68 14.98
N MET F 117 -39.51 24.45 15.47
CA MET F 117 -39.23 24.17 16.87
C MET F 117 -37.75 23.90 17.08
N GLU F 118 -37.02 23.57 16.02
CA GLU F 118 -35.60 23.26 16.16
C GLU F 118 -34.74 24.51 16.11
N ILE F 119 -35.18 25.54 15.38
CA ILE F 119 -34.37 26.78 15.23
C ILE F 119 -34.41 27.59 16.52
N PHE F 120 -35.21 27.17 17.50
CA PHE F 120 -35.30 27.93 18.79
C PHE F 120 -34.88 27.02 19.96
N GLU F 121 -34.51 25.78 19.67
CA GLU F 121 -34.12 24.84 20.76
C GLU F 121 -32.64 24.98 21.10
N THR F 122 -31.92 25.90 20.46
CA THR F 122 -30.50 26.06 20.75
C THR F 122 -30.11 27.52 20.62
N LYS F 123 -29.67 28.12 21.71
CA LYS F 123 -29.09 29.45 21.66
C LYS F 123 -27.61 29.37 21.28
N GLN F 124 -26.96 30.53 21.23
CA GLN F 124 -25.54 30.59 20.92
C GLN F 124 -24.72 30.48 22.19
N SER F 125 -23.93 29.42 22.30
CA SER F 125 -23.05 29.27 23.45
C SER F 125 -21.88 30.23 23.35
N TYR F 126 -21.23 30.47 24.49
CA TYR F 126 -20.11 31.40 24.53
C TYR F 126 -18.85 30.76 23.95
N ASP F 127 -17.84 31.63 23.73
CA ASP F 127 -16.64 31.43 22.89
C ASP F 127 -16.90 30.54 21.66
N GLU F 128 -17.85 30.96 20.82
CA GLU F 128 -18.14 30.28 19.57
C GLU F 128 -18.14 31.31 18.46
N VAL F 129 -17.43 31.00 17.36
CA VAL F 129 -17.25 31.98 16.28
C VAL F 129 -18.56 32.09 15.49
N ILE F 130 -18.74 33.22 14.82
CA ILE F 130 -20.05 33.52 14.22
C ILE F 130 -20.21 32.82 12.87
N ASP F 131 -19.09 32.36 12.29
CA ASP F 131 -19.15 31.80 10.93
C ASP F 131 -19.81 30.43 10.91
N SER F 132 -19.38 29.52 11.80
CA SER F 132 -19.98 28.19 11.86
C SER F 132 -21.42 28.27 12.34
N PHE F 133 -21.71 29.24 13.20
CA PHE F 133 -23.08 29.45 13.68
C PHE F 133 -24.01 29.87 12.54
N ILE F 134 -23.59 30.86 11.74
CA ILE F 134 -24.48 31.33 10.67
C ILE F 134 -24.54 30.30 9.54
N CYS F 135 -23.49 29.48 9.41
CA CYS F 135 -23.50 28.42 8.40
C CYS F 135 -24.51 27.33 8.77
N LYS F 136 -24.48 26.88 10.03
CA LYS F 136 -25.43 25.87 10.48
C LYS F 136 -26.86 26.40 10.48
N GLN F 137 -27.03 27.69 10.81
CA GLN F 137 -28.38 28.25 10.84
C GLN F 137 -28.96 28.39 9.44
N ARG F 138 -28.15 28.79 8.46
CA ARG F 138 -28.65 28.87 7.08
C ARG F 138 -28.89 27.48 6.51
N ALA F 139 -28.04 26.51 6.86
CA ALA F 139 -28.22 25.15 6.34
C ALA F 139 -29.44 24.48 6.96
N LEU F 140 -29.82 24.89 8.17
CA LEU F 140 -31.04 24.34 8.77
C LEU F 140 -32.27 25.11 8.30
N LEU F 141 -32.10 26.38 7.91
CA LEU F 141 -33.26 27.17 7.50
C LEU F 141 -33.58 26.95 6.03
N ALA F 142 -32.64 26.41 5.24
CA ALA F 142 -32.89 26.18 3.82
C ALA F 142 -33.76 24.95 3.55
N LYS F 143 -34.25 24.26 4.60
CA LYS F 143 -35.13 23.11 4.38
C LYS F 143 -36.57 23.53 4.19
N LEU F 144 -36.89 24.80 4.45
CA LEU F 144 -38.25 25.30 4.33
C LEU F 144 -38.68 25.38 2.87
N PRO F 145 -39.98 25.48 2.60
CA PRO F 145 -40.43 25.76 1.23
C PRO F 145 -39.95 27.12 0.74
N GLU F 146 -39.36 27.13 -0.44
CA GLU F 146 -38.81 28.37 -1.00
C GLU F 146 -39.95 29.29 -1.44
N GLY F 147 -39.70 30.59 -1.35
CA GLY F 147 -40.72 31.57 -1.64
C GLY F 147 -41.64 31.87 -0.48
N ARG F 148 -41.34 31.38 0.72
CA ARG F 148 -42.15 31.62 1.90
C ARG F 148 -41.54 32.63 2.85
N HIS F 149 -40.32 33.10 2.57
CA HIS F 149 -39.64 34.04 3.44
C HIS F 149 -38.77 34.97 2.61
N ASP F 150 -38.90 36.28 2.87
CA ASP F 150 -38.07 37.27 2.20
C ASP F 150 -36.70 37.35 2.87
N GLU F 151 -35.92 38.35 2.46
CA GLU F 151 -34.59 38.51 3.01
C GLU F 151 -34.63 39.16 4.38
N GLU F 152 -35.58 40.07 4.58
CA GLU F 152 -35.71 40.81 5.85
C GLU F 152 -36.05 39.90 7.04
N THR F 153 -36.98 38.95 6.86
CA THR F 153 -37.42 38.07 7.97
C THR F 153 -36.27 37.20 8.48
N GLU F 154 -35.46 36.65 7.58
CA GLU F 154 -34.32 35.78 7.99
C GLU F 154 -33.33 36.63 8.80
N LEU F 155 -33.10 37.86 8.33
CA LEU F 155 -32.17 38.80 9.03
C LEU F 155 -32.72 39.08 10.41
N ASP F 156 -34.03 39.09 10.64
CA ASP F 156 -34.49 39.36 12.04
C ASP F 156 -34.12 38.26 13.06
N PHE F 157 -34.35 37.00 12.73
CA PHE F 157 -34.09 35.88 13.69
C PHE F 157 -32.60 35.81 14.08
N ILE F 158 -31.69 35.98 13.11
CA ILE F 158 -30.23 35.85 13.39
C ILE F 158 -29.74 36.91 14.38
N TYR F 159 -30.17 38.17 14.23
CA TYR F 159 -29.71 39.28 15.12
C TYR F 159 -30.14 39.05 16.58
N GLY F 160 -31.39 38.61 16.76
CA GLY F 160 -32.00 38.39 18.08
C GLY F 160 -31.42 37.19 18.80
N LEU F 161 -31.12 36.11 18.07
CA LEU F 161 -30.64 34.83 18.66
C LEU F 161 -29.19 34.88 19.16
N MET F 162 -28.40 35.92 18.83
CA MET F 162 -26.94 35.87 19.22
C MET F 162 -26.62 36.22 20.70
N GLN F 163 -25.46 35.73 21.23
CA GLN F 163 -24.87 35.96 22.54
C GLN F 163 -24.77 37.47 22.81
N PRO F 164 -24.90 37.90 24.07
CA PRO F 164 -24.77 39.34 24.36
C PRO F 164 -23.37 39.93 24.21
N LYS F 165 -22.39 39.16 23.71
CA LYS F 165 -21.12 39.76 23.30
C LYS F 165 -21.29 40.61 22.06
N TYR F 166 -22.32 40.34 21.26
CA TYR F 166 -22.45 40.99 19.95
C TYR F 166 -23.59 41.99 19.94
N ARG F 167 -24.60 41.79 20.78
CA ARG F 167 -25.82 42.58 20.68
C ARG F 167 -25.62 43.98 21.24
N GLU F 168 -24.66 44.15 22.15
CA GLU F 168 -24.47 45.46 22.78
C GLU F 168 -23.74 46.41 21.85
N SER F 169 -22.97 45.88 20.91
CA SER F 169 -22.25 46.74 19.97
C SER F 169 -22.92 46.80 18.61
N ILE F 170 -23.67 45.76 18.26
CA ILE F 170 -24.43 45.73 17.01
C ILE F 170 -25.91 45.83 17.35
N PRO F 171 -26.54 47.00 17.21
CA PRO F 171 -27.98 47.10 17.41
C PRO F 171 -28.76 46.88 16.12
N ARG F 172 -30.05 46.64 16.30
CA ARG F 172 -30.95 46.41 15.18
C ARG F 172 -31.11 47.70 14.37
N HIS F 173 -31.38 47.53 13.07
CA HIS F 173 -31.64 48.47 11.96
C HIS F 173 -30.35 49.01 11.35
N GLU F 174 -29.18 48.62 11.85
CA GLU F 174 -27.93 48.98 11.16
C GLU F 174 -27.72 48.12 9.93
N VAL F 175 -27.93 46.81 10.05
CA VAL F 175 -27.67 45.88 8.95
C VAL F 175 -28.98 45.54 8.26
N LYS F 176 -28.93 45.42 6.94
CA LYS F 176 -30.05 45.00 6.11
C LYS F 176 -29.75 43.73 5.33
N THR F 177 -28.66 43.72 4.58
CA THR F 177 -28.27 42.55 3.80
C THR F 177 -27.53 41.58 4.71
N PHE F 178 -27.54 40.30 4.35
CA PHE F 178 -27.08 39.24 5.24
C PHE F 178 -25.56 39.20 5.34
N ARG F 179 -24.86 39.87 4.42
CA ARG F 179 -23.40 39.85 4.44
C ARG F 179 -22.84 40.89 5.41
N GLU F 180 -23.55 42.01 5.59
CA GLU F 180 -23.04 43.08 6.43
C GLU F 180 -23.06 42.71 7.90
N LEU F 181 -23.87 41.72 8.28
CA LEU F 181 -23.85 41.23 9.65
C LEU F 181 -22.53 40.53 9.96
N LEU F 182 -22.06 39.67 9.05
CA LEU F 182 -20.76 39.04 9.22
C LEU F 182 -19.64 40.07 9.10
N ASP F 183 -19.82 41.06 8.23
CA ASP F 183 -18.82 42.11 8.04
C ASP F 183 -18.66 42.96 9.30
N ARG F 184 -19.75 43.20 10.02
CA ARG F 184 -19.66 43.97 11.26
C ARG F 184 -19.43 43.07 12.46
N GLY F 185 -19.48 41.75 12.27
CA GLY F 185 -19.15 40.85 13.36
C GLY F 185 -17.67 40.53 13.43
N ARG F 186 -17.03 40.36 12.26
CA ARG F 186 -15.64 39.94 12.25
C ARG F 186 -14.70 41.03 12.75
N THR F 187 -15.11 42.30 12.61
CA THR F 187 -14.30 43.40 13.13
C THR F 187 -14.32 43.42 14.66
N VAL F 188 -15.49 43.18 15.25
CA VAL F 188 -15.60 43.12 16.71
C VAL F 188 -14.92 41.86 17.24
N GLU F 189 -14.88 40.80 16.42
CA GLU F 189 -14.15 39.60 16.82
C GLU F 189 -12.64 39.82 16.78
N ARG F 190 -12.16 40.54 15.76
CA ARG F 190 -10.73 40.83 15.66
C ARG F 190 -10.27 41.79 16.74
N THR F 191 -11.14 42.72 17.11
CA THR F 191 -10.83 43.69 18.16
C THR F 191 -10.82 42.99 19.51
N ARG F 192 -11.71 42.00 19.67
CA ARG F 192 -11.90 41.15 20.87
C ARG F 192 -12.32 41.94 22.12
#